data_5TPB
#
_entry.id   5TPB
#
_cell.length_a   65.515
_cell.length_b   104.330
_cell.length_c   69.406
_cell.angle_alpha   90.000
_cell.angle_beta   115.970
_cell.angle_gamma   90.000
#
_symmetry.space_group_name_H-M   'P 1 21 1'
#
loop_
_entity.id
_entity.type
_entity.pdbx_description
1 polymer 'Botulinum neurotoxin type A'
2 branched beta-D-galactopyranose-(1-3)-2-acetamido-2-deoxy-beta-D-galactopyranose
3 non-polymer 'N-acetyl-alpha-neuraminic acid'
4 water water
#
_entity_poly.entity_id   1
_entity_poly.type   'polypeptide(L)'
_entity_poly.pdbx_seq_one_letter_code
;MGSSHHHHHHSSGLVPRGSHMDTSILNLRYESNHLIDLSRYASKINIGSKVNFDPIDKNQIQLFNLESSKIEVILKNAIV
YNSMYENFSTSFWIRIPKYFNSISLNNEYTIINCMENNSGWKVSLNYGEIIWTLQDTQEIKQRVVFKYSQMINISDYINR
WIFVTITNNRLNNSKIYINGRLIDQKPISNLGNIHASNNIMFKLDGCRDTHRYIWIKYFNLFDKELNEKEIKDLYDNQSN
SGILKDFWGDYLQYDKPYYMLNLYDPNKYVDVNNVGIRGYMYLKGPRGSVMTTNIYLNSSLYRGTKFIIKKYASGNKDNI
VRNNDRVYINVVVKNKEYRLATNASQAGVEKILSALEIPDVGNLSQVVVMKSKNDQGITNKCKMNLQDNNGNDIGFIGFH
QFNNIAKLVASNWYNRQIERSSRTLGCSWEFIPVDDGWGERPLQ
;
_entity_poly.pdbx_strand_id   A,B
#
# COMPACT_ATOMS: atom_id res chain seq x y z
N MET A 21 -8.60 21.26 20.23
CA MET A 21 -9.01 20.31 21.22
C MET A 21 -9.01 18.91 20.65
N ASP A 22 -10.10 18.53 20.02
CA ASP A 22 -10.24 17.15 19.60
C ASP A 22 -9.32 16.99 18.46
N THR A 23 -9.20 15.76 17.97
CA THR A 23 -8.28 15.47 16.87
C THR A 23 -8.96 15.63 15.51
N SER A 24 -9.42 14.51 14.95
CA SER A 24 -10.08 14.52 13.65
C SER A 24 -11.11 13.41 13.53
N ILE A 25 -12.26 13.74 12.94
CA ILE A 25 -13.33 12.77 12.77
C ILE A 25 -13.02 11.72 11.73
N LEU A 26 -11.98 11.93 10.95
CA LEU A 26 -11.34 10.88 10.16
C LEU A 26 -9.85 11.13 9.96
N ASN A 27 -9.04 10.09 10.20
CA ASN A 27 -7.59 10.24 10.24
C ASN A 27 -6.91 9.04 9.60
N LEU A 28 -6.54 9.17 8.33
CA LEU A 28 -6.46 8.03 7.42
C LEU A 28 -5.01 7.69 7.15
N ARG A 29 -4.55 6.56 7.67
CA ARG A 29 -3.11 6.30 7.78
C ARG A 29 -2.79 4.84 7.49
N TYR A 30 -1.65 4.62 6.85
CA TYR A 30 -1.09 3.28 6.64
C TYR A 30 -0.33 2.80 7.85
N GLU A 31 -0.77 1.68 8.41
CA GLU A 31 -0.19 1.16 9.63
C GLU A 31 -0.23 -0.36 9.63
N SER A 32 0.94 -0.99 9.83
CA SER A 32 1.11 -2.43 9.69
C SER A 32 0.37 -3.00 8.47
N ASN A 33 0.62 -2.37 7.31
CA ASN A 33 0.10 -2.85 6.02
C ASN A 33 -1.44 -2.87 5.95
N HIS A 34 -2.03 -1.85 6.50
CA HIS A 34 -3.41 -1.61 6.34
C HIS A 34 -3.60 -0.14 6.39
N LEU A 35 -4.42 0.36 5.50
CA LEU A 35 -4.93 1.68 5.58
C LEU A 35 -6.13 1.60 6.47
N ILE A 36 -6.16 2.45 7.48
CA ILE A 36 -7.13 2.44 8.55
C ILE A 36 -7.49 3.84 9.03
N ASP A 37 -8.51 3.98 9.85
CA ASP A 37 -8.87 5.26 10.40
C ASP A 37 -8.53 5.30 11.87
N LEU A 38 -7.54 6.06 12.24
CA LEU A 38 -7.07 6.08 13.63
C LEU A 38 -8.09 6.72 14.58
N SER A 39 -8.97 7.46 13.97
CA SER A 39 -10.07 8.04 14.65
C SER A 39 -11.07 6.97 14.96
N ARG A 40 -10.97 5.82 14.35
CA ARG A 40 -12.00 4.82 14.53
C ARG A 40 -13.40 5.43 14.43
N TYR A 41 -13.77 5.84 13.24
CA TYR A 41 -15.10 6.37 13.03
C TYR A 41 -15.64 5.89 11.70
N ALA A 42 -14.87 5.06 11.01
CA ALA A 42 -15.25 4.56 9.72
C ALA A 42 -15.75 3.16 9.85
N SER A 43 -16.79 2.77 9.09
CA SER A 43 -17.22 1.37 9.11
C SER A 43 -16.22 0.51 8.42
N LYS A 44 -15.77 0.98 7.28
CA LYS A 44 -14.59 0.43 6.64
C LYS A 44 -13.98 1.16 5.45
N ILE A 45 -12.73 0.81 5.23
CA ILE A 45 -11.95 1.36 4.18
C ILE A 45 -11.82 0.27 3.18
N ASN A 46 -11.99 0.62 1.93
CA ASN A 46 -12.15 -0.34 0.86
C ASN A 46 -11.22 0.02 -0.29
N ILE A 47 -10.20 -0.80 -0.47
CA ILE A 47 -9.10 -0.47 -1.36
C ILE A 47 -9.24 -1.26 -2.66
N GLY A 48 -9.09 -0.56 -3.78
CA GLY A 48 -9.14 -1.20 -5.08
C GLY A 48 -7.88 -1.99 -5.38
N SER A 49 -7.94 -2.79 -6.44
CA SER A 49 -6.84 -3.70 -6.80
C SER A 49 -5.64 -3.00 -7.43
N LYS A 50 -5.89 -1.87 -8.10
CA LYS A 50 -4.81 -1.07 -8.70
C LYS A 50 -4.60 0.24 -7.94
N VAL A 51 -4.67 0.18 -6.62
CA VAL A 51 -4.03 1.19 -5.78
C VAL A 51 -2.58 0.81 -5.49
N ASN A 52 -1.67 1.76 -5.68
CA ASN A 52 -0.25 1.52 -5.47
C ASN A 52 0.27 2.28 -4.24
N PHE A 53 1.14 1.63 -3.48
CA PHE A 53 1.73 2.22 -2.28
C PHE A 53 3.25 2.33 -2.40
N ASP A 54 3.76 3.54 -2.21
CA ASP A 54 5.21 3.80 -2.27
C ASP A 54 5.93 2.97 -1.20
N PRO A 55 6.87 2.10 -1.61
CA PRO A 55 7.56 1.20 -0.66
C PRO A 55 8.30 1.92 0.46
N ILE A 56 8.90 3.06 0.19
CA ILE A 56 9.66 3.68 1.25
C ILE A 56 8.80 4.51 2.17
N ASP A 57 7.82 5.17 1.64
CA ASP A 57 6.87 5.86 2.50
C ASP A 57 5.46 5.41 2.15
N LYS A 58 4.92 4.49 2.95
CA LYS A 58 3.79 3.68 2.51
C LYS A 58 2.48 4.45 2.66
N ASN A 59 2.52 5.56 3.40
CA ASN A 59 1.41 6.52 3.40
C ASN A 59 1.19 7.25 2.08
N GLN A 60 2.16 7.18 1.18
CA GLN A 60 2.03 7.80 -0.14
C GLN A 60 1.29 6.86 -1.07
N ILE A 61 0.11 7.28 -1.52
CA ILE A 61 -0.82 6.43 -2.25
C ILE A 61 -0.92 6.94 -3.67
N GLN A 62 -0.65 6.08 -4.65
CA GLN A 62 -0.84 6.44 -6.05
C GLN A 62 -2.20 5.94 -6.57
N LEU A 63 -2.97 6.82 -7.21
CA LEU A 63 -4.19 6.42 -7.92
C LEU A 63 -4.07 6.75 -9.41
N PHE A 64 -4.21 5.71 -10.24
CA PHE A 64 -4.21 5.84 -11.69
C PHE A 64 -5.60 6.16 -12.22
N ASN A 65 -5.70 6.38 -13.52
CA ASN A 65 -6.99 6.59 -14.19
C ASN A 65 -7.54 5.25 -14.68
N LEU A 66 -7.77 4.36 -13.73
CA LEU A 66 -8.54 3.14 -13.94
C LEU A 66 -9.61 3.04 -12.86
N GLU A 67 -10.61 2.22 -13.13
CA GLU A 67 -11.76 2.09 -12.24
C GLU A 67 -11.40 1.43 -10.90
N SER A 68 -10.50 0.47 -10.94
CA SER A 68 -10.06 -0.24 -9.73
C SER A 68 -8.84 0.38 -9.07
N SER A 69 -8.40 1.53 -9.56
CA SER A 69 -7.53 2.41 -8.78
C SER A 69 -8.33 3.39 -7.91
N LYS A 70 -8.82 2.89 -6.79
CA LYS A 70 -9.77 3.61 -5.96
C LYS A 70 -9.67 3.18 -4.51
N ILE A 71 -9.88 4.14 -3.61
CA ILE A 71 -10.18 3.85 -2.23
C ILE A 71 -11.55 4.39 -1.87
N GLU A 72 -12.34 3.56 -1.19
CA GLU A 72 -13.62 3.98 -0.66
C GLU A 72 -13.54 3.94 0.87
N VAL A 73 -13.89 5.06 1.50
CA VAL A 73 -14.18 5.10 2.94
C VAL A 73 -15.67 5.17 3.19
N ILE A 74 -16.16 4.28 4.04
CA ILE A 74 -17.56 4.34 4.47
C ILE A 74 -17.64 4.97 5.84
N LEU A 75 -18.28 6.13 5.93
CA LEU A 75 -18.41 6.84 7.20
C LEU A 75 -19.49 6.17 8.04
N LYS A 76 -19.34 6.23 9.36
CA LYS A 76 -20.44 5.96 10.30
C LYS A 76 -21.50 7.05 10.14
N ASN A 77 -22.75 6.68 10.39
CA ASN A 77 -23.89 7.55 10.13
C ASN A 77 -23.98 8.76 11.07
N ALA A 78 -23.34 8.66 12.23
CA ALA A 78 -23.17 9.81 13.13
C ALA A 78 -22.43 10.96 12.44
N ILE A 79 -21.32 10.64 11.76
CA ILE A 79 -20.36 11.65 11.34
C ILE A 79 -20.59 12.12 9.91
N VAL A 80 -21.70 11.67 9.29
CA VAL A 80 -22.10 12.15 7.97
C VAL A 80 -22.45 13.63 8.05
N TYR A 81 -21.93 14.42 7.13
CA TYR A 81 -22.35 15.81 7.02
C TYR A 81 -23.79 15.93 6.49
N ASN A 82 -24.65 16.53 7.32
CA ASN A 82 -25.96 16.97 6.88
C ASN A 82 -26.44 18.13 7.75
N SER A 83 -26.23 19.36 7.27
CA SER A 83 -26.29 20.54 8.15
C SER A 83 -26.42 21.85 7.38
N MET A 84 -26.98 22.84 8.05
CA MET A 84 -26.97 24.23 7.59
C MET A 84 -25.80 25.05 8.13
N TYR A 85 -25.27 24.70 9.28
CA TYR A 85 -24.41 25.59 10.01
C TYR A 85 -23.08 24.98 10.47
N GLU A 86 -22.98 23.67 10.49
CA GLU A 86 -21.78 23.00 10.95
C GLU A 86 -20.56 23.24 10.10
N ASN A 87 -19.45 23.50 10.76
CA ASN A 87 -18.25 23.82 10.07
C ASN A 87 -17.46 22.58 9.95
N PHE A 88 -16.63 22.54 8.95
CA PHE A 88 -15.77 21.38 8.74
C PHE A 88 -14.60 21.69 7.83
N SER A 89 -13.54 20.92 7.99
CA SER A 89 -12.30 21.12 7.27
C SER A 89 -11.76 19.78 6.78
N THR A 90 -11.06 19.80 5.65
CA THR A 90 -10.30 18.64 5.20
C THR A 90 -8.86 19.01 4.91
N SER A 91 -7.93 18.10 5.19
CA SER A 91 -6.56 18.29 4.74
C SER A 91 -6.00 17.01 4.16
N PHE A 92 -5.01 17.19 3.28
CA PHE A 92 -4.28 16.09 2.68
C PHE A 92 -3.11 16.65 1.86
N TRP A 93 -2.13 15.80 1.60
CA TRP A 93 -1.04 16.16 0.71
C TRP A 93 -1.28 15.51 -0.62
N ILE A 94 -0.78 16.14 -1.68
CA ILE A 94 -0.97 15.67 -3.04
C ILE A 94 0.22 16.02 -3.93
N ARG A 95 0.58 15.11 -4.82
CA ARG A 95 1.54 15.38 -5.88
C ARG A 95 0.93 15.18 -7.26
N ILE A 96 0.77 16.27 -8.00
CA ILE A 96 0.06 16.25 -9.28
C ILE A 96 1.02 16.32 -10.47
N PRO A 97 1.16 15.19 -11.21
CA PRO A 97 2.05 15.18 -12.37
C PRO A 97 1.74 16.28 -13.35
N LYS A 98 2.78 16.83 -13.98
CA LYS A 98 2.61 17.87 -14.99
C LYS A 98 1.62 17.41 -16.06
N TYR A 99 0.81 18.31 -16.55
CA TYR A 99 -0.11 18.01 -17.62
C TYR A 99 0.63 18.18 -18.93
N PHE A 100 0.65 17.12 -19.71
CA PHE A 100 1.37 17.04 -20.94
C PHE A 100 0.57 17.34 -22.18
N ASN A 101 -0.63 16.81 -22.28
CA ASN A 101 -1.43 16.84 -23.49
C ASN A 101 -2.50 17.87 -23.54
N SER A 102 -3.00 18.16 -24.71
CA SER A 102 -4.08 19.14 -24.83
C SER A 102 -5.34 18.56 -24.31
N ILE A 103 -5.42 17.25 -24.33
CA ILE A 103 -6.60 16.57 -23.80
C ILE A 103 -6.94 16.93 -22.34
N SER A 104 -5.95 17.44 -21.60
CA SER A 104 -6.15 17.92 -20.23
C SER A 104 -6.67 19.36 -20.09
N LEU A 105 -6.63 20.13 -21.16
CA LEU A 105 -7.34 21.41 -21.21
C LEU A 105 -8.84 21.22 -21.07
N ASN A 106 -9.47 22.08 -20.27
CA ASN A 106 -10.93 22.11 -20.13
C ASN A 106 -11.54 20.75 -19.78
N ASN A 107 -10.87 20.01 -18.89
CA ASN A 107 -11.39 18.76 -18.35
C ASN A 107 -11.24 18.71 -16.83
N GLU A 108 -12.23 19.23 -16.11
CA GLU A 108 -12.32 19.00 -14.67
C GLU A 108 -12.67 17.54 -14.37
N TYR A 109 -11.89 16.94 -13.49
CA TYR A 109 -12.12 15.57 -13.07
C TYR A 109 -12.07 15.48 -11.54
N THR A 110 -13.03 14.77 -10.97
CA THR A 110 -13.11 14.61 -9.52
C THR A 110 -12.03 13.64 -9.09
N ILE A 111 -11.49 13.87 -7.90
CA ILE A 111 -10.56 12.92 -7.29
C ILE A 111 -11.01 12.45 -5.91
N ILE A 112 -11.67 13.33 -5.15
CA ILE A 112 -12.23 12.96 -3.86
C ILE A 112 -13.69 13.40 -3.83
N ASN A 113 -14.59 12.41 -3.75
CA ASN A 113 -16.01 12.63 -3.97
C ASN A 113 -16.75 12.32 -2.67
N CYS A 114 -17.47 13.31 -2.13
CA CYS A 114 -18.49 13.05 -1.11
C CYS A 114 -19.82 13.69 -1.49
N MET A 115 -20.30 13.43 -2.69
CA MET A 115 -21.62 13.90 -3.07
C MET A 115 -22.67 12.81 -3.07
N GLU A 116 -23.93 13.23 -2.97
CA GLU A 116 -25.09 12.35 -3.11
C GLU A 116 -26.25 13.19 -3.54
N ASN A 117 -26.93 12.81 -4.61
CA ASN A 117 -28.07 13.54 -5.08
C ASN A 117 -27.65 14.95 -5.28
N ASN A 118 -26.45 15.11 -5.78
CA ASN A 118 -25.98 16.42 -6.14
C ASN A 118 -25.70 17.34 -4.98
N SER A 119 -25.72 16.82 -3.78
CA SER A 119 -25.32 17.58 -2.61
C SER A 119 -24.08 16.94 -1.98
N GLY A 120 -23.17 17.79 -1.54
CA GLY A 120 -22.04 17.37 -0.70
C GLY A 120 -20.81 18.19 -0.98
N TRP A 121 -19.65 17.58 -0.81
CA TRP A 121 -18.40 18.18 -1.26
C TRP A 121 -17.62 17.22 -2.15
N LYS A 122 -16.77 17.82 -2.98
CA LYS A 122 -15.76 17.06 -3.71
C LYS A 122 -14.50 17.89 -3.92
N VAL A 123 -13.36 17.21 -3.92
CA VAL A 123 -12.15 17.77 -4.48
C VAL A 123 -12.05 17.33 -5.92
N SER A 124 -11.70 18.28 -6.79
CA SER A 124 -11.49 17.98 -8.21
C SER A 124 -10.28 18.75 -8.74
N LEU A 125 -9.71 18.23 -9.83
CA LEU A 125 -8.58 18.87 -10.49
C LEU A 125 -8.94 19.27 -11.91
N ASN A 126 -8.30 20.34 -12.39
CA ASN A 126 -8.19 20.65 -13.80
C ASN A 126 -6.74 20.98 -14.15
N TYR A 127 -6.50 21.29 -15.43
CA TYR A 127 -5.23 21.87 -15.86
C TYR A 127 -4.87 23.09 -15.00
N GLY A 128 -3.78 22.95 -14.24
CA GLY A 128 -3.27 24.04 -13.41
C GLY A 128 -4.19 24.42 -12.26
N GLU A 129 -4.98 23.47 -11.77
CA GLU A 129 -6.06 23.78 -10.85
C GLU A 129 -6.27 22.66 -9.81
N ILE A 130 -6.50 23.06 -8.57
CA ILE A 130 -7.18 22.23 -7.58
C ILE A 130 -8.45 22.94 -7.14
N ILE A 131 -9.56 22.21 -7.16
CA ILE A 131 -10.87 22.82 -6.98
C ILE A 131 -11.56 22.15 -5.80
N TRP A 132 -12.20 22.97 -4.97
CA TRP A 132 -13.13 22.51 -3.94
C TRP A 132 -14.55 23.00 -4.27
N THR A 133 -15.49 22.06 -4.45
CA THR A 133 -16.90 22.41 -4.69
C THR A 133 -17.77 22.04 -3.48
N LEU A 134 -18.62 22.97 -3.08
CA LEU A 134 -19.79 22.68 -2.27
C LEU A 134 -21.05 22.85 -3.11
N GLN A 135 -22.01 21.94 -2.91
CA GLN A 135 -23.38 22.13 -3.37
C GLN A 135 -24.39 21.79 -2.29
N ASP A 136 -25.35 22.68 -2.06
CA ASP A 136 -26.51 22.34 -1.20
C ASP A 136 -27.58 21.58 -1.99
N THR A 137 -28.67 21.25 -1.29
CA THR A 137 -29.72 20.37 -1.83
C THR A 137 -30.74 21.13 -2.70
N GLN A 138 -30.53 22.44 -2.85
CA GLN A 138 -31.22 23.24 -3.88
C GLN A 138 -30.28 23.67 -5.00
N GLU A 139 -29.28 22.85 -5.31
CA GLU A 139 -28.40 23.04 -6.48
C GLU A 139 -27.62 24.37 -6.44
N ILE A 140 -27.43 24.90 -5.23
CA ILE A 140 -26.63 26.08 -5.01
C ILE A 140 -25.18 25.65 -4.84
N LYS A 141 -24.29 26.35 -5.52
CA LYS A 141 -22.92 25.95 -5.67
C LYS A 141 -21.92 27.01 -5.35
N GLN A 142 -20.79 26.59 -4.84
CA GLN A 142 -19.63 27.44 -4.69
C GLN A 142 -18.38 26.66 -4.91
N ARG A 143 -17.45 27.26 -5.64
CA ARG A 143 -16.15 26.68 -5.83
C ARG A 143 -15.09 27.57 -5.24
N VAL A 144 -14.11 27.00 -4.54
CA VAL A 144 -12.84 27.71 -4.36
C VAL A 144 -11.72 27.00 -5.10
N VAL A 145 -10.78 27.77 -5.63
CA VAL A 145 -9.85 27.28 -6.66
C VAL A 145 -8.43 27.81 -6.42
N PHE A 146 -7.48 26.88 -6.29
CA PHE A 146 -6.05 27.23 -6.36
C PHE A 146 -5.54 27.01 -7.78
N LYS A 147 -5.07 28.10 -8.39
CA LYS A 147 -4.68 28.11 -9.80
C LYS A 147 -3.15 28.28 -9.88
N TYR A 148 -2.50 27.40 -10.64
CA TYR A 148 -1.04 27.42 -10.79
C TYR A 148 -0.62 27.20 -12.25
N SER A 149 0.29 28.04 -12.74
CA SER A 149 0.71 28.04 -14.15
C SER A 149 1.67 26.88 -14.43
N GLN A 150 1.61 26.34 -15.64
CA GLN A 150 2.70 25.52 -16.17
C GLN A 150 3.60 26.27 -17.15
N MET A 151 3.44 27.59 -17.22
CA MET A 151 4.22 28.46 -18.07
C MET A 151 5.16 29.28 -17.20
N ILE A 152 6.21 28.62 -16.71
CA ILE A 152 6.97 29.15 -15.58
C ILE A 152 8.29 28.41 -15.47
N ASN A 153 9.35 29.16 -15.16
CA ASN A 153 10.71 28.63 -15.16
C ASN A 153 10.84 27.49 -14.15
N ILE A 154 10.58 27.80 -12.88
CA ILE A 154 10.52 26.80 -11.84
C ILE A 154 9.21 26.93 -11.08
N SER A 155 8.49 25.83 -10.89
CA SER A 155 7.21 25.83 -10.16
C SER A 155 7.34 25.14 -8.81
N ASP A 156 6.87 25.81 -7.76
CA ASP A 156 6.73 25.18 -6.45
C ASP A 156 5.80 23.96 -6.45
N TYR A 157 4.93 23.88 -7.46
CA TYR A 157 3.67 23.16 -7.36
C TYR A 157 3.61 21.96 -8.31
N ILE A 158 4.12 22.12 -9.54
CA ILE A 158 4.02 21.08 -10.56
C ILE A 158 4.78 19.83 -10.12
N ASN A 159 4.05 18.73 -9.91
CA ASN A 159 4.64 17.42 -9.64
C ASN A 159 5.49 17.34 -8.36
N ARG A 160 5.29 18.30 -7.44
CA ARG A 160 5.90 18.27 -6.13
C ARG A 160 4.82 18.14 -5.07
N TRP A 161 5.16 17.54 -3.94
CA TRP A 161 4.22 17.36 -2.84
C TRP A 161 3.76 18.72 -2.33
N ILE A 162 2.45 18.92 -2.29
CA ILE A 162 1.91 20.11 -1.66
C ILE A 162 0.86 19.77 -0.61
N PHE A 163 0.76 20.63 0.40
CA PHE A 163 -0.18 20.47 1.48
C PHE A 163 -1.43 21.23 1.08
N VAL A 164 -2.54 20.50 0.91
CA VAL A 164 -3.85 21.12 0.75
C VAL A 164 -4.58 21.14 2.09
N THR A 165 -5.21 22.27 2.39
CA THR A 165 -6.12 22.36 3.53
C THR A 165 -7.33 23.20 3.17
N ILE A 166 -8.53 22.66 3.37
CA ILE A 166 -9.76 23.37 3.04
C ILE A 166 -10.67 23.48 4.25
N THR A 167 -11.05 24.71 4.59
CA THR A 167 -11.89 24.97 5.74
C THR A 167 -13.21 25.55 5.25
N ASN A 168 -14.29 25.30 5.99
CA ASN A 168 -15.62 25.80 5.63
C ASN A 168 -16.34 26.38 6.85
N ASN A 169 -16.56 27.70 6.83
CA ASN A 169 -17.36 28.37 7.84
C ASN A 169 -18.70 28.80 7.25
N ARG A 170 -19.77 28.21 7.73
CA ARG A 170 -21.08 28.34 7.11
C ARG A 170 -21.64 29.72 7.16
N LEU A 171 -21.18 30.50 8.13
CA LEU A 171 -21.50 31.92 8.22
C LEU A 171 -20.90 32.77 7.10
N ASN A 172 -19.64 32.50 6.75
CA ASN A 172 -18.91 33.37 5.82
C ASN A 172 -18.23 32.72 4.60
N ASN A 173 -17.07 32.10 4.82
CA ASN A 173 -16.28 31.63 3.71
C ASN A 173 -15.90 30.19 3.70
N SER A 174 -15.50 29.76 2.54
CA SER A 174 -14.83 28.55 2.40
C SER A 174 -13.48 29.04 2.03
N LYS A 175 -12.45 28.48 2.62
CA LYS A 175 -11.07 28.92 2.40
C LYS A 175 -10.22 27.73 1.95
N ILE A 176 -9.33 27.96 1.00
CA ILE A 176 -8.32 26.97 0.61
C ILE A 176 -6.91 27.49 0.89
N TYR A 177 -6.09 26.64 1.50
CA TYR A 177 -4.68 26.95 1.73
C TYR A 177 -3.82 25.97 0.97
N ILE A 178 -2.66 26.44 0.50
CA ILE A 178 -1.58 25.56 0.08
C ILE A 178 -0.37 25.80 0.99
N ASN A 179 0.30 24.72 1.37
CA ASN A 179 1.52 24.78 2.16
C ASN A 179 1.43 25.79 3.30
N GLY A 180 0.30 25.77 4.00
CA GLY A 180 0.07 26.66 5.15
C GLY A 180 -0.54 28.02 4.83
N ARG A 181 -0.41 28.49 3.59
CA ARG A 181 -0.69 29.89 3.27
C ARG A 181 -2.04 29.98 2.55
N LEU A 182 -2.80 31.03 2.85
CA LEU A 182 -4.17 31.15 2.36
C LEU A 182 -4.12 31.59 0.91
N ILE A 183 -4.78 30.84 0.04
CA ILE A 183 -4.80 31.12 -1.40
C ILE A 183 -6.05 31.89 -1.79
N ASP A 184 -7.23 31.36 -1.43
CA ASP A 184 -8.47 31.92 -1.91
C ASP A 184 -9.64 31.59 -0.98
N GLN A 185 -10.53 32.55 -0.81
CA GLN A 185 -11.72 32.38 0.01
C GLN A 185 -12.94 32.88 -0.75
N LYS A 186 -14.06 32.17 -0.64
CA LYS A 186 -15.30 32.57 -1.29
C LYS A 186 -16.47 32.48 -0.30
N PRO A 187 -17.49 33.33 -0.48
CA PRO A 187 -18.69 33.19 0.36
C PRO A 187 -19.39 31.86 0.13
N ILE A 188 -19.82 31.23 1.21
CA ILE A 188 -20.73 30.08 1.16
C ILE A 188 -21.98 30.26 2.03
N SER A 189 -22.19 31.47 2.54
CA SER A 189 -23.20 31.70 3.58
C SER A 189 -24.63 31.67 3.04
N ASN A 190 -24.77 31.88 1.74
CA ASN A 190 -26.04 31.74 1.05
C ASN A 190 -26.45 30.30 0.72
N LEU A 191 -25.55 29.35 0.91
CA LEU A 191 -25.90 27.94 0.77
C LEU A 191 -26.67 27.44 2.00
N GLY A 192 -27.75 26.70 1.75
CA GLY A 192 -28.59 26.17 2.81
C GLY A 192 -28.09 24.81 3.28
N ASN A 193 -28.96 23.81 3.19
CA ASN A 193 -28.64 22.49 3.68
C ASN A 193 -27.74 21.74 2.70
N ILE A 194 -26.52 21.46 3.13
CA ILE A 194 -25.63 20.56 2.40
C ILE A 194 -25.68 19.16 3.00
N HIS A 195 -26.07 18.20 2.21
CA HIS A 195 -26.15 16.82 2.62
C HIS A 195 -25.17 15.93 1.82
N ALA A 196 -23.98 15.78 2.37
CA ALA A 196 -22.90 14.99 1.78
C ALA A 196 -23.12 13.48 1.91
N SER A 197 -22.27 12.71 1.24
CA SER A 197 -22.47 11.28 1.06
C SER A 197 -22.15 10.48 2.31
N ASN A 198 -22.68 9.27 2.37
CA ASN A 198 -22.26 8.28 3.36
C ASN A 198 -20.82 7.82 3.14
N ASN A 199 -20.37 7.80 1.88
CA ASN A 199 -19.02 7.34 1.54
C ASN A 199 -18.14 8.40 0.86
N ILE A 200 -16.84 8.39 1.18
CA ILE A 200 -15.85 9.17 0.44
C ILE A 200 -15.14 8.27 -0.55
N MET A 201 -15.07 8.73 -1.80
CA MET A 201 -14.50 7.94 -2.89
C MET A 201 -13.25 8.63 -3.42
N PHE A 202 -12.10 8.02 -3.17
CA PHE A 202 -10.84 8.47 -3.78
C PHE A 202 -10.66 7.76 -5.10
N LYS A 203 -10.77 8.50 -6.20
CA LYS A 203 -10.80 7.91 -7.55
C LYS A 203 -10.81 8.99 -8.61
N LEU A 204 -10.01 8.82 -9.65
CA LEU A 204 -10.08 9.69 -10.81
C LEU A 204 -11.39 9.43 -11.56
N ASP A 205 -12.27 10.42 -11.53
CA ASP A 205 -13.62 10.29 -12.04
C ASP A 205 -13.82 11.34 -13.13
N GLY A 206 -13.91 10.88 -14.37
CA GLY A 206 -14.16 11.76 -15.51
C GLY A 206 -12.92 12.35 -16.14
N CYS A 207 -11.74 11.79 -15.86
CA CYS A 207 -10.50 12.26 -16.47
C CYS A 207 -10.29 11.63 -17.83
N ARG A 208 -10.06 12.45 -18.84
CA ARG A 208 -9.96 11.96 -20.22
C ARG A 208 -8.55 11.55 -20.56
N ASP A 209 -7.55 12.13 -19.90
CA ASP A 209 -6.15 11.68 -20.03
C ASP A 209 -5.97 10.29 -19.43
N THR A 210 -5.77 9.31 -20.30
CA THR A 210 -5.72 7.92 -19.88
C THR A 210 -4.54 7.64 -18.96
N HIS A 211 -3.45 8.37 -19.14
CA HIS A 211 -2.21 8.15 -18.37
C HIS A 211 -2.13 8.98 -17.07
N ARG A 212 -3.19 9.72 -16.74
CA ARG A 212 -3.18 10.53 -15.56
C ARG A 212 -3.11 9.73 -14.31
N TYR A 213 -2.36 10.21 -13.35
CA TYR A 213 -2.45 9.71 -11.99
C TYR A 213 -2.34 10.84 -10.96
N ILE A 214 -2.45 10.48 -9.70
CA ILE A 214 -2.08 11.33 -8.60
C ILE A 214 -1.45 10.55 -7.49
N TRP A 215 -0.62 11.19 -6.70
CA TRP A 215 -0.11 10.64 -5.47
C TRP A 215 -0.82 11.39 -4.36
N ILE A 216 -1.12 10.70 -3.26
CA ILE A 216 -1.80 11.33 -2.17
C ILE A 216 -1.41 10.74 -0.84
N LYS A 217 -1.56 11.53 0.21
CA LYS A 217 -1.24 11.07 1.55
C LYS A 217 -1.84 11.87 2.70
N TYR A 218 -2.07 11.20 3.83
CA TYR A 218 -2.48 11.81 5.09
C TYR A 218 -3.82 12.54 4.97
N PHE A 219 -4.85 11.87 4.45
CA PHE A 219 -6.18 12.47 4.44
C PHE A 219 -6.75 12.58 5.85
N ASN A 220 -7.20 13.78 6.20
CA ASN A 220 -7.92 14.03 7.45
C ASN A 220 -9.23 14.76 7.23
N LEU A 221 -10.17 14.49 8.10
CA LEU A 221 -11.42 15.20 8.10
C LEU A 221 -11.67 15.77 9.48
N PHE A 222 -12.07 17.02 9.57
CA PHE A 222 -12.28 17.70 10.86
C PHE A 222 -13.66 18.33 10.92
N ASP A 223 -14.30 18.26 12.09
CA ASP A 223 -15.62 18.89 12.28
C ASP A 223 -15.52 20.31 12.89
N LYS A 224 -14.63 21.12 12.32
CA LYS A 224 -14.57 22.54 12.61
C LYS A 224 -13.88 23.28 11.46
N GLU A 225 -13.95 24.61 11.49
CA GLU A 225 -13.03 25.46 10.74
C GLU A 225 -11.66 25.47 11.44
N LEU A 226 -10.65 24.89 10.79
CA LEU A 226 -9.29 25.03 11.26
C LEU A 226 -8.87 26.48 11.15
N ASN A 227 -8.30 27.02 12.22
CA ASN A 227 -7.65 28.33 12.17
C ASN A 227 -6.24 28.25 11.61
N GLU A 228 -5.64 29.41 11.39
CA GLU A 228 -4.44 29.55 10.55
C GLU A 228 -3.20 28.99 11.27
N LYS A 229 -3.15 29.10 12.60
CA LYS A 229 -2.14 28.41 13.39
C LYS A 229 -2.30 26.88 13.39
N GLU A 230 -3.54 26.40 13.49
CA GLU A 230 -3.78 24.96 13.48
C GLU A 230 -3.24 24.38 12.18
N ILE A 231 -3.45 25.11 11.09
CA ILE A 231 -3.07 24.64 9.78
C ILE A 231 -1.56 24.60 9.66
N LYS A 232 -0.88 25.66 10.09
CA LYS A 232 0.58 25.70 10.05
C LYS A 232 1.19 24.55 10.86
N ASP A 233 0.64 24.29 12.03
CA ASP A 233 1.12 23.16 12.85
C ASP A 233 0.92 21.83 12.13
N LEU A 234 -0.26 21.65 11.54
CA LEU A 234 -0.56 20.48 10.75
C LEU A 234 0.46 20.31 9.61
N TYR A 235 0.74 21.42 8.92
CA TYR A 235 1.74 21.45 7.86
C TYR A 235 3.11 21.08 8.38
N ASP A 236 3.50 21.66 9.52
CA ASP A 236 4.81 21.39 10.12
C ASP A 236 4.94 19.92 10.52
N ASN A 237 3.98 19.42 11.29
CA ASN A 237 4.08 18.06 11.83
C ASN A 237 4.17 17.02 10.72
N GLN A 238 3.27 17.14 9.75
CA GLN A 238 3.14 16.16 8.69
C GLN A 238 4.24 16.27 7.62
N SER A 239 5.00 17.37 7.63
CA SER A 239 6.19 17.52 6.78
C SER A 239 7.29 16.52 7.05
N ASN A 240 7.37 16.02 8.27
CA ASN A 240 8.47 15.14 8.68
C ASN A 240 9.86 15.72 8.34
N SER A 241 10.12 16.94 8.77
CA SER A 241 11.38 17.63 8.44
C SER A 241 12.61 17.05 9.16
N GLY A 242 12.36 16.11 10.07
CA GLY A 242 13.28 15.02 10.37
C GLY A 242 14.02 14.43 9.19
N ILE A 243 13.31 14.20 8.09
CA ILE A 243 13.91 13.63 6.90
C ILE A 243 14.05 14.72 5.83
N LEU A 244 15.21 14.76 5.17
CA LEU A 244 15.42 15.68 4.07
C LEU A 244 14.63 15.22 2.86
N LYS A 245 14.24 16.17 2.02
CA LYS A 245 13.46 15.86 0.83
C LYS A 245 14.25 16.16 -0.46
N ASP A 246 13.96 15.38 -1.51
CA ASP A 246 14.34 15.77 -2.87
C ASP A 246 13.42 16.87 -3.41
N PHE A 247 13.65 17.25 -4.65
CA PHE A 247 12.93 18.37 -5.24
C PHE A 247 11.42 18.10 -5.27
N TRP A 248 11.03 16.86 -5.48
CA TRP A 248 9.61 16.52 -5.60
C TRP A 248 8.92 16.44 -4.23
N GLY A 249 9.72 16.39 -3.16
CA GLY A 249 9.20 16.29 -1.82
C GLY A 249 9.11 14.88 -1.28
N ASP A 250 9.62 13.90 -2.05
CA ASP A 250 9.87 12.57 -1.51
C ASP A 250 11.15 12.57 -0.67
N TYR A 251 11.31 11.51 0.11
CA TYR A 251 12.43 11.38 1.02
C TYR A 251 13.74 11.40 0.25
N LEU A 252 14.71 12.14 0.76
CA LEU A 252 16.04 12.17 0.17
C LEU A 252 16.80 10.91 0.53
N GLN A 253 17.50 10.34 -0.44
CA GLN A 253 18.02 8.98 -0.34
C GLN A 253 19.52 8.90 -0.59
N TYR A 254 20.16 7.92 0.03
CA TYR A 254 21.53 7.55 -0.31
C TYR A 254 21.57 6.76 -1.61
N ASP A 255 22.74 6.75 -2.26
CA ASP A 255 23.01 5.89 -3.41
C ASP A 255 22.04 6.11 -4.57
N LYS A 256 21.54 7.34 -4.69
CA LYS A 256 20.57 7.70 -5.72
C LYS A 256 21.06 8.94 -6.48
N PRO A 257 21.20 8.85 -7.81
CA PRO A 257 21.67 10.02 -8.56
C PRO A 257 20.65 11.17 -8.61
N TYR A 258 21.11 12.37 -8.30
CA TYR A 258 20.28 13.56 -8.39
C TYR A 258 20.94 14.59 -9.30
N TYR A 259 20.11 15.26 -10.08
CA TYR A 259 20.50 16.52 -10.71
C TYR A 259 20.30 17.68 -9.74
N MET A 260 21.12 18.71 -9.86
CA MET A 260 21.28 19.68 -8.78
C MET A 260 20.72 21.00 -9.25
N LEU A 261 19.95 21.65 -8.39
CA LEU A 261 19.47 22.98 -8.66
C LEU A 261 20.07 23.87 -7.61
N ASN A 262 20.69 24.94 -8.05
CA ASN A 262 21.03 26.03 -7.18
C ASN A 262 19.95 27.09 -7.20
N LEU A 263 19.36 27.34 -6.04
CA LEU A 263 18.17 28.17 -5.94
C LEU A 263 18.43 29.66 -6.16
N TYR A 264 19.64 30.14 -5.84
CA TYR A 264 19.97 31.54 -6.07
C TYR A 264 20.01 31.89 -7.56
N ASP A 265 20.62 31.01 -8.35
CA ASP A 265 20.66 31.19 -9.80
C ASP A 265 20.15 29.94 -10.49
N PRO A 266 18.82 29.86 -10.66
CA PRO A 266 18.17 28.63 -11.11
C PRO A 266 18.41 28.29 -12.59
N ASN A 267 18.75 29.29 -13.40
CA ASN A 267 19.03 29.08 -14.83
C ASN A 267 20.48 28.63 -15.14
N LYS A 268 21.21 28.16 -14.13
CA LYS A 268 22.49 27.49 -14.34
C LYS A 268 22.49 26.06 -13.82
N TYR A 269 23.49 25.29 -14.23
CA TYR A 269 23.70 23.94 -13.71
C TYR A 269 25.18 23.61 -13.44
N VAL A 270 25.39 22.57 -12.64
CA VAL A 270 26.73 22.20 -12.19
C VAL A 270 27.45 21.52 -13.36
N ASP A 271 28.62 22.04 -13.70
CA ASP A 271 29.55 21.38 -14.61
C ASP A 271 30.89 21.24 -13.89
N VAL A 272 31.70 20.32 -14.40
CA VAL A 272 33.10 20.19 -13.99
C VAL A 272 33.99 20.36 -15.22
N ASN A 273 35.16 20.93 -15.02
CA ASN A 273 36.07 21.21 -16.13
C ASN A 273 37.10 20.09 -16.23
N ASN A 274 37.76 19.79 -15.11
CA ASN A 274 38.57 18.59 -14.98
C ASN A 274 38.38 17.95 -13.62
N VAL A 275 38.72 16.67 -13.55
CA VAL A 275 38.80 15.97 -12.26
C VAL A 275 40.22 16.04 -11.69
N GLY A 276 40.33 15.71 -10.41
CA GLY A 276 41.55 15.99 -9.64
C GLY A 276 41.62 17.40 -9.09
N ILE A 277 42.73 17.71 -8.44
CA ILE A 277 42.78 18.83 -7.48
C ILE A 277 42.95 20.20 -8.17
N ARG A 278 43.53 20.21 -9.36
CA ARG A 278 43.54 21.40 -10.17
C ARG A 278 42.24 21.59 -10.97
N GLY A 279 41.39 20.57 -10.97
CA GLY A 279 40.00 20.70 -11.41
C GLY A 279 39.13 21.55 -10.49
N TYR A 280 37.92 21.84 -10.95
CA TYR A 280 36.93 22.53 -10.13
C TYR A 280 35.49 22.34 -10.64
N MET A 281 34.54 22.32 -9.71
CA MET A 281 33.12 22.38 -10.01
C MET A 281 32.69 23.82 -10.24
N TYR A 282 31.73 24.04 -11.13
CA TYR A 282 31.16 25.37 -11.31
C TYR A 282 29.76 25.36 -11.90
N LEU A 283 29.17 26.53 -11.92
CA LEU A 283 27.87 26.76 -12.50
C LEU A 283 27.94 27.42 -13.86
N LYS A 284 27.34 26.80 -14.86
CA LYS A 284 27.24 27.39 -16.17
C LYS A 284 25.80 27.33 -16.65
N GLY A 285 25.54 27.88 -17.84
CA GLY A 285 24.21 27.88 -18.43
C GLY A 285 24.19 27.91 -19.95
N PRO A 286 23.02 28.05 -20.53
CA PRO A 286 21.78 28.10 -19.78
C PRO A 286 21.23 26.71 -19.63
N ARG A 287 20.33 26.48 -18.69
CA ARG A 287 19.83 25.13 -18.55
C ARG A 287 18.88 24.81 -19.66
N GLY A 288 18.27 25.82 -20.20
CA GLY A 288 17.37 25.62 -21.30
C GLY A 288 15.96 25.37 -20.87
N SER A 289 15.21 24.78 -21.75
CA SER A 289 13.79 24.74 -21.60
C SER A 289 13.22 23.48 -22.12
N VAL A 290 12.17 23.03 -21.47
CA VAL A 290 11.33 21.94 -21.96
C VAL A 290 9.92 22.45 -22.23
N MET A 291 9.32 21.96 -23.32
CA MET A 291 8.18 22.62 -23.96
C MET A 291 7.19 21.58 -24.44
N THR A 292 5.91 21.88 -24.28
CA THR A 292 4.92 21.56 -25.32
C THR A 292 4.04 22.78 -25.53
N THR A 293 3.77 23.10 -26.80
CA THR A 293 3.17 24.37 -27.14
C THR A 293 1.76 24.51 -26.54
N ASN A 294 1.49 25.66 -25.94
CA ASN A 294 0.26 25.93 -25.19
C ASN A 294 0.03 25.11 -23.91
N ILE A 295 0.95 24.19 -23.58
CA ILE A 295 0.70 23.24 -22.48
C ILE A 295 1.66 23.47 -21.33
N TYR A 296 2.96 23.47 -21.60
CA TYR A 296 3.94 23.92 -20.60
C TYR A 296 5.21 24.52 -21.22
N LEU A 297 5.82 25.43 -20.48
CA LEU A 297 7.16 25.92 -20.78
C LEU A 297 7.93 26.12 -19.49
N ASN A 298 8.82 25.19 -19.19
CA ASN A 298 9.61 25.23 -17.96
C ASN A 298 11.09 25.05 -18.25
N SER A 299 11.94 25.44 -17.30
CA SER A 299 13.36 25.13 -17.37
C SER A 299 13.62 23.62 -17.36
N SER A 300 14.55 23.17 -18.20
CA SER A 300 15.11 21.83 -18.07
C SER A 300 15.59 21.56 -16.63
N LEU A 301 15.29 20.37 -16.13
CA LEU A 301 15.71 19.97 -14.77
C LEU A 301 16.80 18.88 -14.72
N TYR A 302 17.00 18.14 -15.81
CA TYR A 302 18.02 17.09 -15.86
C TYR A 302 19.27 17.58 -16.59
N ARG A 303 19.88 18.63 -16.02
CA ARG A 303 21.13 19.18 -16.52
C ARG A 303 22.26 18.99 -15.51
N GLY A 304 23.47 18.74 -16.02
CA GLY A 304 24.70 18.90 -15.23
C GLY A 304 25.16 17.59 -14.64
N THR A 305 26.27 17.62 -13.88
CA THR A 305 26.81 16.42 -13.28
C THR A 305 25.88 15.99 -12.14
N LYS A 306 25.66 14.69 -12.05
CA LYS A 306 24.82 14.15 -10.99
C LYS A 306 25.63 13.97 -9.72
N PHE A 307 24.97 14.24 -8.59
CA PHE A 307 25.51 13.91 -7.27
C PHE A 307 24.86 12.63 -6.76
N ILE A 308 25.66 11.82 -6.09
CA ILE A 308 25.15 10.74 -5.27
C ILE A 308 25.59 10.97 -3.84
N ILE A 309 24.67 10.82 -2.89
CA ILE A 309 24.97 10.99 -1.48
C ILE A 309 25.38 9.64 -0.91
N LYS A 310 26.49 9.60 -0.19
CA LYS A 310 27.02 8.36 0.36
C LYS A 310 26.97 8.40 1.88
N LYS A 311 26.75 7.25 2.50
CA LYS A 311 26.84 7.13 3.95
C LYS A 311 28.28 7.27 4.44
N TYR A 312 28.49 8.19 5.38
CA TYR A 312 29.66 8.17 6.26
C TYR A 312 29.22 7.83 7.67
N ALA A 313 28.58 8.80 8.35
CA ALA A 313 28.46 8.79 9.81
C ALA A 313 27.24 8.01 10.32
N SER A 314 26.21 7.89 9.49
CA SER A 314 24.99 7.18 9.87
C SER A 314 25.27 5.68 9.99
N GLY A 315 24.93 5.24 11.18
CA GLY A 315 24.45 3.93 11.47
C GLY A 315 22.94 4.03 11.42
N ASN A 316 22.40 3.94 10.22
CA ASN A 316 21.01 3.67 10.03
C ASN A 316 20.83 2.72 8.89
N LYS A 317 20.00 1.73 9.10
CA LYS A 317 19.80 0.73 8.09
C LYS A 317 18.48 0.99 7.41
N ASP A 318 18.42 2.16 6.81
CA ASP A 318 17.76 2.34 5.51
C ASP A 318 18.62 3.25 4.65
N ASN A 319 18.10 3.67 3.50
CA ASN A 319 18.81 4.62 2.64
C ASN A 319 18.27 6.05 2.74
N ILE A 320 17.66 6.40 3.88
CA ILE A 320 17.00 7.70 4.02
C ILE A 320 17.93 8.73 4.66
N VAL A 321 18.03 9.89 4.02
CA VAL A 321 18.92 10.94 4.46
C VAL A 321 18.22 11.87 5.43
N ARG A 322 18.64 11.81 6.69
CA ARG A 322 18.00 12.58 7.75
C ARG A 322 18.71 13.91 8.03
N ASN A 323 17.98 14.84 8.62
CA ASN A 323 18.53 16.12 9.05
C ASN A 323 19.75 15.93 9.95
N ASN A 324 20.80 16.73 9.70
CA ASN A 324 22.10 16.61 10.36
C ASN A 324 22.85 15.27 10.17
N ASP A 325 22.54 14.57 9.11
CA ASP A 325 23.34 13.46 8.67
C ASP A 325 24.67 13.92 8.08
N ARG A 326 25.70 13.19 8.40
CA ARG A 326 27.02 13.49 7.92
C ARG A 326 27.43 12.48 6.87
N VAL A 327 27.76 12.98 5.71
CA VAL A 327 27.77 12.21 4.46
C VAL A 327 29.01 12.54 3.67
N TYR A 328 29.34 11.66 2.73
CA TYR A 328 30.14 12.02 1.57
C TYR A 328 29.23 12.36 0.39
N ILE A 329 29.67 13.31 -0.42
CA ILE A 329 29.07 13.60 -1.72
C ILE A 329 29.95 13.09 -2.87
N ASN A 330 29.44 12.11 -3.61
CA ASN A 330 30.05 11.69 -4.87
C ASN A 330 29.48 12.46 -6.03
N VAL A 331 30.25 12.50 -7.12
CA VAL A 331 29.92 13.27 -8.31
C VAL A 331 30.16 12.36 -9.52
N VAL A 332 29.15 12.21 -10.37
CA VAL A 332 29.23 11.30 -11.52
C VAL A 332 29.73 12.03 -12.76
N VAL A 333 30.84 11.56 -13.31
CA VAL A 333 31.39 12.13 -14.53
C VAL A 333 31.73 11.00 -15.48
N LYS A 334 31.02 10.96 -16.61
CA LYS A 334 31.14 9.93 -17.62
C LYS A 334 30.88 8.55 -17.01
N ASN A 335 29.86 8.49 -16.15
CA ASN A 335 29.48 7.26 -15.45
C ASN A 335 30.67 6.60 -14.72
N LYS A 336 31.54 7.44 -14.16
CA LYS A 336 32.39 7.11 -13.03
C LYS A 336 32.15 8.10 -11.88
N GLU A 337 32.26 7.64 -10.64
CA GLU A 337 32.08 8.50 -9.47
C GLU A 337 33.40 9.06 -8.93
N TYR A 338 33.36 10.35 -8.53
CA TYR A 338 34.48 11.05 -7.92
C TYR A 338 34.00 11.73 -6.63
N ARG A 339 34.94 11.99 -5.72
CA ARG A 339 34.62 12.57 -4.43
C ARG A 339 34.66 14.09 -4.53
N LEU A 340 33.58 14.75 -4.14
CA LEU A 340 33.60 16.19 -3.88
C LEU A 340 34.49 16.48 -2.68
N ALA A 341 35.38 17.46 -2.83
CA ALA A 341 36.35 17.78 -1.80
C ALA A 341 37.03 19.11 -2.06
N THR A 342 37.80 19.58 -1.09
CA THR A 342 38.70 20.72 -1.26
C THR A 342 39.92 20.54 -0.35
N ASN A 343 41.01 21.23 -0.67
CA ASN A 343 42.00 21.60 0.36
C ASN A 343 41.63 22.91 1.04
N ALA A 344 41.33 22.83 2.32
CA ALA A 344 40.88 23.99 3.09
C ALA A 344 41.98 25.03 3.36
N SER A 345 43.24 24.62 3.22
CA SER A 345 44.37 25.52 3.48
C SER A 345 44.72 26.47 2.33
N GLN A 346 44.02 26.36 1.18
CA GLN A 346 44.11 27.37 0.13
C GLN A 346 43.70 28.76 0.63
N ALA A 347 44.26 29.79 0.02
CA ALA A 347 44.14 31.16 0.53
C ALA A 347 42.76 31.73 0.21
N GLY A 348 42.27 32.60 1.10
CA GLY A 348 40.91 33.12 1.01
C GLY A 348 39.86 32.18 1.61
N VAL A 349 38.85 32.77 2.25
CA VAL A 349 37.77 32.00 2.89
C VAL A 349 37.03 31.08 1.90
N GLU A 350 36.97 31.47 0.63
CA GLU A 350 36.33 30.67 -0.41
C GLU A 350 37.21 29.48 -0.80
N LYS A 351 36.77 28.27 -0.45
CA LYS A 351 37.50 27.05 -0.79
C LYS A 351 36.85 26.39 -2.00
N ILE A 352 37.51 26.45 -3.13
CA ILE A 352 36.98 25.87 -4.33
C ILE A 352 36.85 24.38 -4.15
N LEU A 353 35.82 23.82 -4.77
CA LEU A 353 35.59 22.39 -4.74
C LEU A 353 35.98 21.66 -6.02
N SER A 354 36.45 20.44 -5.86
CA SER A 354 36.96 19.69 -6.95
C SER A 354 36.46 18.30 -6.89
N ALA A 355 36.55 17.57 -7.98
CA ALA A 355 36.16 16.19 -8.01
C ALA A 355 37.38 15.36 -7.98
N LEU A 356 37.47 14.46 -7.04
CA LEU A 356 38.70 13.70 -6.83
C LEU A 356 38.48 12.22 -7.01
N GLU A 357 39.52 11.55 -7.49
CA GLU A 357 39.57 10.08 -7.46
C GLU A 357 39.40 9.63 -6.02
N ILE A 358 38.50 8.69 -5.80
CA ILE A 358 38.08 8.33 -4.44
C ILE A 358 39.22 7.71 -3.61
N PRO A 359 40.07 6.86 -4.22
CA PRO A 359 41.32 6.45 -3.57
C PRO A 359 42.23 7.60 -3.11
N ASP A 360 42.33 8.66 -3.89
CA ASP A 360 43.37 9.69 -3.71
C ASP A 360 42.85 10.94 -2.99
N VAL A 361 41.83 10.78 -2.17
CA VAL A 361 41.20 11.90 -1.46
C VAL A 361 42.03 12.25 -0.23
N GLY A 362 42.57 11.22 0.42
CA GLY A 362 43.53 11.41 1.50
C GLY A 362 42.84 11.98 2.72
N ASN A 363 43.32 13.12 3.20
CA ASN A 363 42.71 13.84 4.30
C ASN A 363 42.29 15.24 3.88
N LEU A 364 42.00 15.41 2.60
CA LEU A 364 41.27 16.58 2.16
C LEU A 364 39.90 16.61 2.81
N SER A 365 39.34 17.82 2.94
CA SER A 365 38.04 18.01 3.56
C SER A 365 36.92 17.56 2.62
N GLN A 366 36.16 16.57 3.07
CA GLN A 366 35.16 15.91 2.22
C GLN A 366 33.81 15.63 2.94
N VAL A 367 33.78 15.72 4.27
CA VAL A 367 32.59 15.35 5.03
C VAL A 367 31.62 16.51 5.01
N VAL A 368 30.35 16.20 4.75
CA VAL A 368 29.28 17.19 4.62
C VAL A 368 28.19 16.87 5.64
N VAL A 369 27.74 17.90 6.37
CA VAL A 369 26.52 17.81 7.17
C VAL A 369 25.32 18.27 6.36
N MET A 370 24.31 17.40 6.27
CA MET A 370 23.10 17.69 5.49
C MET A 370 22.05 18.33 6.38
N LYS A 371 21.52 19.44 5.98
CA LYS A 371 20.77 20.19 6.91
C LYS A 371 19.63 20.79 6.19
N SER A 372 18.43 20.60 6.71
CA SER A 372 17.26 21.11 6.04
C SER A 372 17.10 22.53 6.45
N LYS A 373 16.61 23.34 5.55
CA LYS A 373 16.41 24.74 5.83
C LYS A 373 14.95 25.05 6.05
N ASN A 374 14.57 25.42 7.27
CA ASN A 374 13.29 26.07 7.52
C ASN A 374 13.27 27.48 6.93
N ASP A 375 12.40 27.68 5.94
CA ASP A 375 11.51 28.84 5.92
C ASP A 375 10.27 28.53 5.07
N GLN A 376 9.72 29.54 4.39
CA GLN A 376 8.28 29.75 4.33
C GLN A 376 7.71 29.55 2.92
N GLY A 377 8.38 30.11 1.92
CA GLY A 377 8.24 29.65 0.54
C GLY A 377 8.91 28.31 0.24
N ILE A 378 9.56 28.21 -0.91
CA ILE A 378 9.65 26.96 -1.68
C ILE A 378 10.26 25.81 -0.86
N THR A 379 9.62 24.64 -0.92
CA THR A 379 9.87 23.53 -0.02
C THR A 379 11.17 22.80 -0.40
N ASN A 380 11.66 21.98 0.52
CA ASN A 380 12.62 20.91 0.23
C ASN A 380 14.04 21.43 0.01
N LYS A 381 14.32 22.63 0.54
CA LYS A 381 15.67 23.20 0.53
C LYS A 381 16.62 22.42 1.45
N CYS A 382 17.76 22.03 0.90
CA CYS A 382 18.85 21.44 1.67
C CYS A 382 20.12 22.27 1.55
N LYS A 383 20.82 22.44 2.67
CA LYS A 383 22.17 23.03 2.67
C LYS A 383 23.20 21.96 2.99
N MET A 384 24.45 22.24 2.67
CA MET A 384 25.51 21.25 2.75
C MET A 384 26.76 21.84 3.40
N ASN A 385 26.94 21.58 4.69
CA ASN A 385 28.02 22.20 5.44
C ASN A 385 29.28 21.36 5.39
N LEU A 386 30.26 21.80 4.60
CA LEU A 386 31.52 21.08 4.47
C LEU A 386 32.32 21.15 5.77
N GLN A 387 32.90 20.01 6.15
CA GLN A 387 33.76 19.94 7.32
C GLN A 387 35.09 19.29 6.97
N ASP A 388 36.15 19.72 7.65
CA ASP A 388 37.41 18.99 7.64
C ASP A 388 37.31 17.75 8.53
N ASN A 389 38.40 16.98 8.60
CA ASN A 389 38.39 15.72 9.35
C ASN A 389 38.63 15.88 10.85
N ASN A 390 38.84 17.12 11.28
CA ASN A 390 38.55 17.51 12.66
C ASN A 390 37.09 17.86 12.92
N GLY A 391 36.23 17.68 11.93
CA GLY A 391 34.82 18.05 12.06
C GLY A 391 34.60 19.53 12.27
N ASN A 392 35.61 20.35 11.96
CA ASN A 392 35.44 21.80 12.02
C ASN A 392 34.80 22.29 10.74
N ASP A 393 33.99 23.34 10.86
CA ASP A 393 33.27 23.90 9.73
C ASP A 393 34.25 24.57 8.79
N ILE A 394 34.25 24.15 7.53
CA ILE A 394 34.74 24.97 6.43
C ILE A 394 33.63 25.94 5.98
N GLY A 395 32.44 25.40 5.71
CA GLY A 395 31.27 26.23 5.44
C GLY A 395 30.29 25.64 4.43
N PHE A 396 29.18 26.33 4.24
CA PHE A 396 28.09 25.83 3.40
C PHE A 396 28.44 25.91 1.92
N ILE A 397 28.20 24.82 1.20
CA ILE A 397 28.55 24.75 -0.21
C ILE A 397 27.65 25.70 -1.00
N GLY A 398 28.26 26.70 -1.63
CA GLY A 398 27.58 27.56 -2.60
C GLY A 398 28.50 27.81 -3.78
N PHE A 399 28.54 29.05 -4.25
CA PHE A 399 29.41 29.41 -5.39
C PHE A 399 29.95 30.82 -5.25
N HIS A 400 30.96 31.14 -6.06
CA HIS A 400 31.59 32.44 -6.04
C HIS A 400 32.20 32.69 -7.41
N GLN A 401 32.20 33.94 -7.86
CA GLN A 401 32.81 34.32 -9.13
C GLN A 401 34.33 34.39 -8.96
N PHE A 402 35.04 33.71 -9.87
CA PHE A 402 36.46 33.89 -10.04
C PHE A 402 36.75 34.22 -11.50
N ASN A 403 36.88 35.51 -11.80
CA ASN A 403 37.05 36.00 -13.17
C ASN A 403 35.88 35.59 -14.07
N ASN A 404 34.67 35.83 -13.58
CA ASN A 404 33.47 35.26 -14.18
C ASN A 404 33.69 33.81 -14.61
N ILE A 405 34.12 32.97 -13.67
CA ILE A 405 33.64 31.60 -13.54
C ILE A 405 33.05 31.40 -12.15
N ALA A 406 31.80 30.93 -12.11
CA ALA A 406 31.06 30.72 -10.87
C ALA A 406 31.44 29.36 -10.32
N LYS A 407 32.62 29.28 -9.67
CA LYS A 407 33.10 28.04 -9.12
C LYS A 407 32.35 27.70 -7.82
N LEU A 408 32.11 26.41 -7.60
CA LEU A 408 31.55 25.95 -6.33
C LEU A 408 32.59 26.06 -5.22
N VAL A 409 32.13 26.52 -4.06
CA VAL A 409 32.98 26.78 -2.91
C VAL A 409 32.25 26.34 -1.65
N ALA A 410 33.01 25.88 -0.66
CA ALA A 410 32.60 25.97 0.74
C ALA A 410 33.10 27.28 1.32
N SER A 411 32.22 27.97 2.06
CA SER A 411 32.54 29.29 2.60
C SER A 411 31.70 29.60 3.85
N ASN A 412 32.28 30.35 4.78
CA ASN A 412 31.55 30.80 5.96
C ASN A 412 30.62 31.98 5.66
N GLY A 426 25.23 31.36 -3.39
CA GLY A 426 23.99 31.00 -2.70
C GLY A 426 23.91 29.52 -2.37
N CYS A 427 23.81 29.18 -1.09
CA CYS A 427 24.08 27.83 -0.62
C CYS A 427 22.81 27.02 -0.33
N SER A 428 21.69 27.40 -0.97
CA SER A 428 20.46 26.61 -0.92
C SER A 428 20.28 25.79 -2.18
N TRP A 429 20.17 24.48 -2.01
CA TRP A 429 20.21 23.52 -3.12
C TRP A 429 18.97 22.65 -3.09
N GLU A 430 18.61 22.11 -4.25
CA GLU A 430 17.70 20.98 -4.30
C GLU A 430 18.18 19.85 -5.23
N PHE A 431 17.80 18.63 -4.85
CA PHE A 431 18.24 17.40 -5.50
C PHE A 431 17.08 16.81 -6.33
N ILE A 432 17.27 16.67 -7.64
CA ILE A 432 16.18 16.30 -8.55
C ILE A 432 16.47 14.95 -9.19
N PRO A 433 15.75 13.89 -8.77
CA PRO A 433 15.83 12.62 -9.46
C PRO A 433 14.87 12.61 -10.64
N VAL A 434 15.06 11.66 -11.54
CA VAL A 434 14.15 11.50 -12.68
C VAL A 434 12.80 10.99 -12.18
N ASP A 435 11.71 11.55 -12.71
CA ASP A 435 10.38 11.24 -12.24
C ASP A 435 9.39 11.30 -13.40
N ASP A 436 8.57 10.25 -13.52
CA ASP A 436 7.54 10.15 -14.56
C ASP A 436 6.63 11.36 -14.64
N GLY A 437 6.32 11.96 -13.50
CA GLY A 437 5.44 13.14 -13.46
C GLY A 437 5.99 14.42 -14.05
N TRP A 438 7.28 14.43 -14.39
CA TRP A 438 7.89 15.61 -15.04
C TRP A 438 7.98 15.44 -16.55
N GLY A 439 8.30 14.22 -17.01
CA GLY A 439 8.16 13.87 -18.43
C GLY A 439 9.29 14.30 -19.34
N GLU A 440 10.33 14.93 -18.77
CA GLU A 440 11.49 15.35 -19.53
C GLU A 440 12.32 14.14 -19.93
N ARG A 441 12.82 14.14 -21.17
CA ARG A 441 13.79 13.16 -21.66
C ARG A 441 15.20 13.57 -21.22
N PRO A 442 15.86 12.75 -20.38
CA PRO A 442 17.21 13.10 -19.91
C PRO A 442 18.30 12.72 -20.91
N LEU A 443 19.14 13.65 -21.33
CA LEU A 443 20.14 13.32 -22.31
C LEU A 443 21.22 12.56 -21.65
N GLN A 444 21.84 13.16 -20.67
CA GLN A 444 22.80 12.38 -19.86
C GLN A 444 22.32 12.29 -18.42
N SER B 24 10.90 -20.90 -14.56
CA SER B 24 11.08 -21.24 -13.17
C SER B 24 12.07 -22.36 -13.00
N ILE B 25 13.11 -22.17 -12.21
CA ILE B 25 14.07 -23.22 -11.99
C ILE B 25 13.71 -24.19 -10.89
N LEU B 26 12.55 -24.02 -10.30
CA LEU B 26 12.00 -25.02 -9.42
C LEU B 26 10.50 -24.76 -9.24
N ASN B 27 9.71 -25.79 -9.45
CA ASN B 27 8.28 -25.65 -9.44
C ASN B 27 7.65 -26.82 -8.69
N LEU B 28 7.24 -26.58 -7.48
CA LEU B 28 7.10 -27.67 -6.52
C LEU B 28 5.63 -27.97 -6.28
N ARG B 29 5.17 -29.11 -6.78
CA ARG B 29 3.74 -29.34 -6.95
C ARG B 29 3.38 -30.77 -6.61
N TYR B 30 2.21 -30.94 -6.02
CA TYR B 30 1.57 -32.22 -5.93
C TYR B 30 0.84 -32.53 -7.23
N GLU B 31 1.22 -33.63 -7.88
CA GLU B 31 0.73 -33.92 -9.23
C GLU B 31 1.00 -35.37 -9.60
N SER B 32 -0.06 -36.06 -10.00
N SER B 32 -0.06 -36.08 -10.00
CA SER B 32 -0.03 -37.52 -10.16
CA SER B 32 -0.02 -37.52 -10.17
C SER B 32 0.59 -38.22 -8.95
C SER B 32 0.59 -38.23 -8.95
N ASN B 33 0.05 -37.90 -7.77
CA ASN B 33 0.30 -38.65 -6.53
C ASN B 33 1.72 -38.50 -5.96
N HIS B 34 2.39 -37.39 -6.30
CA HIS B 34 3.70 -37.07 -5.75
C HIS B 34 3.88 -35.55 -5.64
N LEU B 35 4.46 -35.11 -4.52
CA LEU B 35 5.22 -33.87 -4.53
C LEU B 35 6.50 -34.02 -5.34
N ILE B 36 6.63 -33.17 -6.36
CA ILE B 36 7.74 -33.25 -7.31
C ILE B 36 8.07 -31.88 -7.89
N ASP B 37 9.21 -31.80 -8.58
CA ASP B 37 9.65 -30.60 -9.26
C ASP B 37 9.31 -30.69 -10.75
N LEU B 38 8.37 -29.87 -11.21
CA LEU B 38 7.95 -29.89 -12.62
C LEU B 38 8.99 -29.30 -13.57
N SER B 39 9.91 -28.49 -13.04
CA SER B 39 11.05 -27.99 -13.83
C SER B 39 11.95 -29.11 -14.35
N ARG B 40 12.79 -28.77 -15.33
CA ARG B 40 13.70 -29.73 -15.96
C ARG B 40 14.74 -30.30 -15.00
N TYR B 41 15.04 -29.57 -13.91
CA TYR B 41 16.07 -29.99 -12.99
C TYR B 41 15.57 -31.14 -12.10
N ALA B 42 14.26 -31.26 -11.99
CA ALA B 42 13.61 -32.38 -11.29
C ALA B 42 14.36 -32.72 -10.00
N SER B 43 14.42 -31.74 -9.11
CA SER B 43 15.18 -31.88 -7.88
C SER B 43 14.55 -32.93 -6.98
N LYS B 44 15.39 -33.75 -6.33
CA LYS B 44 14.89 -34.87 -5.52
C LYS B 44 14.24 -34.35 -4.23
N ILE B 45 13.02 -34.81 -3.93
CA ILE B 45 12.24 -34.29 -2.81
C ILE B 45 12.18 -35.34 -1.71
N ASN B 46 12.32 -34.89 -0.47
CA ASN B 46 12.45 -35.80 0.66
C ASN B 46 11.52 -35.40 1.79
N ILE B 47 10.45 -36.18 1.96
CA ILE B 47 9.34 -35.78 2.78
C ILE B 47 9.46 -36.48 4.13
N GLY B 48 9.25 -35.74 5.21
CA GLY B 48 9.26 -36.30 6.57
C GLY B 48 7.97 -37.02 6.90
N SER B 49 7.99 -37.80 7.97
CA SER B 49 6.89 -38.70 8.33
C SER B 49 5.67 -37.97 8.91
N LYS B 50 5.88 -36.80 9.51
CA LYS B 50 4.80 -35.96 10.01
C LYS B 50 4.63 -34.70 9.18
N VAL B 51 4.76 -34.81 7.86
CA VAL B 51 4.15 -33.83 6.95
C VAL B 51 2.71 -34.23 6.63
N ASN B 52 1.80 -33.27 6.74
CA ASN B 52 0.39 -33.52 6.49
C ASN B 52 -0.04 -32.83 5.20
N PHE B 53 -0.91 -33.50 4.45
CA PHE B 53 -1.44 -32.96 3.20
C PHE B 53 -2.94 -32.81 3.29
N ASP B 54 -3.43 -31.62 2.97
CA ASP B 54 -4.86 -31.38 2.95
C ASP B 54 -5.52 -32.32 1.94
N PRO B 55 -6.54 -33.09 2.39
CA PRO B 55 -7.24 -34.00 1.47
C PRO B 55 -7.94 -33.28 0.32
N ILE B 56 -8.58 -32.16 0.61
CA ILE B 56 -9.37 -31.45 -0.39
C ILE B 56 -8.48 -30.78 -1.44
N ASP B 57 -7.37 -30.19 -1.01
CA ASP B 57 -6.37 -29.60 -1.91
C ASP B 57 -4.95 -30.02 -1.51
N LYS B 58 -4.40 -30.97 -2.25
CA LYS B 58 -3.27 -31.74 -1.77
C LYS B 58 -1.96 -31.00 -2.02
N ASN B 59 -2.00 -29.89 -2.73
CA ASN B 59 -0.90 -28.94 -2.74
C ASN B 59 -0.68 -28.19 -1.41
N GLN B 60 -1.69 -28.16 -0.56
CA GLN B 60 -1.61 -27.47 0.72
C GLN B 60 -0.92 -28.37 1.74
N ILE B 61 0.24 -27.94 2.21
CA ILE B 61 1.13 -28.75 3.03
C ILE B 61 1.15 -28.17 4.42
N GLN B 62 0.86 -28.98 5.44
CA GLN B 62 1.02 -28.57 6.83
C GLN B 62 2.36 -29.04 7.42
N LEU B 63 3.09 -28.12 8.05
CA LEU B 63 4.29 -28.49 8.83
C LEU B 63 4.15 -28.08 10.29
N PHE B 64 4.21 -29.07 11.19
CA PHE B 64 4.14 -28.86 12.63
C PHE B 64 5.51 -28.52 13.21
N ASN B 65 5.55 -28.25 14.51
CA ASN B 65 6.80 -28.02 15.22
C ASN B 65 7.34 -29.34 15.79
N LEU B 66 7.57 -30.30 14.90
CA LEU B 66 8.29 -31.53 15.21
C LEU B 66 9.37 -31.76 14.18
N GLU B 67 10.40 -32.51 14.56
CA GLU B 67 11.60 -32.64 13.73
C GLU B 67 11.24 -33.29 12.40
N SER B 68 10.40 -34.33 12.43
CA SER B 68 10.06 -35.10 11.24
C SER B 68 8.86 -34.50 10.47
N SER B 69 8.37 -33.34 10.89
CA SER B 69 7.54 -32.50 10.03
C SER B 69 8.40 -31.59 9.16
N LYS B 70 8.94 -32.15 8.08
CA LYS B 70 9.88 -31.45 7.22
C LYS B 70 9.96 -31.98 5.79
N ILE B 71 10.10 -31.08 4.84
CA ILE B 71 10.41 -31.45 3.47
C ILE B 71 11.81 -30.93 3.15
N GLU B 72 12.61 -31.81 2.55
CA GLU B 72 13.91 -31.43 2.04
C GLU B 72 13.91 -31.55 0.52
N VAL B 73 14.24 -30.46 -0.16
CA VAL B 73 14.58 -30.48 -1.58
C VAL B 73 16.10 -30.51 -1.70
N ILE B 74 16.61 -31.39 -2.57
CA ILE B 74 18.01 -31.39 -2.94
C ILE B 74 18.21 -30.85 -4.36
N LEU B 75 18.82 -29.67 -4.47
CA LEU B 75 18.99 -29.02 -5.77
C LEU B 75 20.11 -29.72 -6.54
N LYS B 76 20.00 -29.72 -7.87
CA LYS B 76 21.14 -30.01 -8.74
C LYS B 76 22.21 -28.96 -8.60
N ASN B 77 23.46 -29.36 -8.81
CA ASN B 77 24.60 -28.48 -8.57
C ASN B 77 24.62 -27.28 -9.50
N ALA B 78 24.09 -27.45 -10.71
CA ALA B 78 23.96 -26.35 -11.68
C ALA B 78 23.20 -25.16 -11.11
N ILE B 79 22.12 -25.45 -10.39
CA ILE B 79 21.16 -24.41 -10.01
C ILE B 79 21.34 -23.91 -8.57
N VAL B 80 22.42 -24.36 -7.92
CA VAL B 80 22.79 -23.84 -6.61
C VAL B 80 23.20 -22.38 -6.72
N TYR B 81 22.64 -21.54 -5.87
CA TYR B 81 23.08 -20.15 -5.81
C TYR B 81 24.51 -20.05 -5.25
N ASN B 82 25.42 -19.56 -6.09
CA ASN B 82 26.73 -19.13 -5.64
C ASN B 82 27.26 -18.03 -6.56
N SER B 83 27.04 -16.78 -6.16
CA SER B 83 27.14 -15.66 -7.11
C SER B 83 27.24 -14.30 -6.43
N MET B 84 27.90 -13.37 -7.12
CA MET B 84 27.93 -11.96 -6.74
C MET B 84 26.83 -11.14 -7.38
N TYR B 85 26.39 -11.53 -8.58
CA TYR B 85 25.59 -10.66 -9.44
C TYR B 85 24.23 -11.25 -9.84
N GLU B 86 24.02 -12.54 -9.60
CA GLU B 86 22.87 -13.26 -10.18
C GLU B 86 21.57 -12.95 -9.41
N ASN B 87 20.55 -12.50 -10.12
CA ASN B 87 19.28 -12.18 -9.50
C ASN B 87 18.47 -13.44 -9.35
N PHE B 88 17.61 -13.45 -8.34
CA PHE B 88 16.72 -14.58 -8.10
C PHE B 88 15.52 -14.18 -7.25
N SER B 89 14.45 -14.95 -7.41
CA SER B 89 13.19 -14.69 -6.74
C SER B 89 12.66 -16.01 -6.17
N THR B 90 11.89 -15.91 -5.10
CA THR B 90 11.08 -17.04 -4.63
C THR B 90 9.63 -16.63 -4.40
N SER B 91 8.70 -17.53 -4.69
CA SER B 91 7.31 -17.30 -4.33
C SER B 91 6.67 -18.54 -3.72
N PHE B 92 5.68 -18.30 -2.88
CA PHE B 92 4.90 -19.36 -2.26
C PHE B 92 3.69 -18.74 -1.58
N TRP B 93 2.71 -19.57 -1.26
CA TRP B 93 1.60 -19.16 -0.42
C TRP B 93 1.78 -19.76 0.95
N ILE B 94 1.23 -19.07 1.95
CA ILE B 94 1.38 -19.48 3.34
C ILE B 94 0.15 -19.07 4.16
N ARG B 95 -0.25 -19.94 5.07
CA ARG B 95 -1.26 -19.60 6.07
C ARG B 95 -0.67 -19.74 7.47
N ILE B 96 -0.57 -18.61 8.18
CA ILE B 96 0.11 -18.57 9.48
C ILE B 96 -0.93 -18.44 10.59
N PRO B 97 -1.09 -19.49 11.42
CA PRO B 97 -2.03 -19.41 12.53
C PRO B 97 -1.76 -18.22 13.44
N LYS B 98 -2.82 -17.63 13.98
CA LYS B 98 -2.71 -16.53 14.93
C LYS B 98 -1.80 -16.92 16.10
N TYR B 99 -0.93 -16.00 16.51
CA TYR B 99 -0.07 -16.24 17.65
C TYR B 99 -0.90 -16.01 18.90
N PHE B 100 -0.97 -17.04 19.76
CA PHE B 100 -1.85 -17.06 20.93
C PHE B 100 -1.13 -16.63 22.21
N ASN B 101 0.14 -17.00 22.33
CA ASN B 101 0.82 -17.06 23.63
C ASN B 101 2.00 -16.09 23.69
N SER B 102 2.29 -15.56 24.88
CA SER B 102 3.44 -14.67 25.07
C SER B 102 4.76 -15.30 24.60
N ILE B 103 4.87 -16.62 24.66
CA ILE B 103 6.07 -17.35 24.23
C ILE B 103 6.49 -17.04 22.78
N SER B 104 5.55 -16.60 21.95
CA SER B 104 5.82 -16.23 20.57
C SER B 104 6.36 -14.80 20.39
N LEU B 105 6.26 -13.97 21.41
CA LEU B 105 6.94 -12.68 21.33
C LEU B 105 8.44 -12.93 21.36
N ASN B 106 9.17 -12.20 20.53
CA ASN B 106 10.63 -12.24 20.48
C ASN B 106 11.17 -13.65 20.31
N ASN B 107 10.59 -14.37 19.35
CA ASN B 107 11.15 -15.64 18.89
C ASN B 107 11.03 -15.70 17.37
N GLU B 108 12.11 -15.33 16.68
CA GLU B 108 12.26 -15.67 15.28
C GLU B 108 12.56 -17.16 15.11
N TYR B 109 11.85 -17.79 14.18
CA TYR B 109 12.09 -19.19 13.84
C TYR B 109 12.11 -19.34 12.33
N THR B 110 13.09 -20.09 11.83
CA THR B 110 13.22 -20.33 10.39
C THR B 110 12.14 -21.30 9.96
N ILE B 111 11.66 -21.13 8.72
CA ILE B 111 10.74 -22.10 8.13
C ILE B 111 11.19 -22.63 6.78
N ILE B 112 11.93 -21.83 6.02
CA ILE B 112 12.55 -22.28 4.77
C ILE B 112 14.01 -21.87 4.76
N ASN B 113 14.90 -22.86 4.78
CA ASN B 113 16.31 -22.66 5.06
C ASN B 113 17.17 -23.07 3.86
N CYS B 114 17.85 -22.12 3.25
CA CYS B 114 18.89 -22.43 2.27
C CYS B 114 20.23 -21.83 2.67
N MET B 115 20.56 -21.90 3.97
CA MET B 115 21.83 -21.42 4.50
C MET B 115 22.86 -22.53 4.64
N GLU B 116 24.11 -22.19 4.38
CA GLU B 116 25.25 -23.09 4.61
C GLU B 116 26.46 -22.31 5.03
N ASN B 117 27.14 -22.78 6.05
CA ASN B 117 28.24 -22.01 6.67
C ASN B 117 27.90 -20.53 6.83
N ASN B 118 26.68 -20.25 7.28
CA ASN B 118 26.18 -18.89 7.45
C ASN B 118 26.26 -18.03 6.16
N SER B 119 26.15 -18.67 5.01
CA SER B 119 25.79 -17.97 3.77
C SER B 119 24.59 -18.61 3.11
N GLY B 120 23.67 -17.77 2.62
CA GLY B 120 22.57 -18.22 1.79
C GLY B 120 21.33 -17.38 2.03
N TRP B 121 20.17 -17.97 1.78
CA TRP B 121 18.92 -17.32 2.17
C TRP B 121 18.09 -18.20 3.10
N LYS B 122 17.21 -17.54 3.84
CA LYS B 122 16.16 -18.24 4.56
C LYS B 122 14.90 -17.39 4.65
N VAL B 123 13.75 -18.05 4.67
CA VAL B 123 12.53 -17.44 5.16
C VAL B 123 12.37 -17.79 6.62
N SER B 124 11.99 -16.80 7.42
CA SER B 124 11.73 -17.01 8.83
C SER B 124 10.50 -16.19 9.28
N LEU B 125 9.88 -16.65 10.36
CA LEU B 125 8.75 -15.95 10.94
C LEU B 125 9.06 -15.45 12.34
N ASN B 126 8.38 -14.38 12.73
CA ASN B 126 8.21 -13.96 14.12
C ASN B 126 6.77 -13.54 14.37
N TYR B 127 6.45 -13.20 15.61
CA TYR B 127 5.17 -12.58 15.94
C TYR B 127 4.85 -11.42 14.99
N GLY B 128 3.80 -11.59 14.20
CA GLY B 128 3.34 -10.53 13.30
C GLY B 128 4.30 -10.25 12.15
N GLU B 129 5.14 -11.23 11.80
CA GLU B 129 6.26 -10.98 10.90
C GLU B 129 6.54 -12.17 9.98
N ILE B 130 6.80 -11.87 8.71
CA ILE B 130 7.50 -12.77 7.81
C ILE B 130 8.80 -12.10 7.38
N ILE B 131 9.91 -12.83 7.49
CA ILE B 131 11.24 -12.26 7.34
C ILE B 131 12.00 -13.00 6.24
N TRP B 132 12.67 -12.24 5.38
CA TRP B 132 13.63 -12.78 4.41
C TRP B 132 15.04 -12.27 4.77
N THR B 133 15.96 -13.20 5.04
CA THR B 133 17.36 -12.86 5.30
C THR B 133 18.27 -13.34 4.15
N LEU B 134 19.17 -12.45 3.71
CA LEU B 134 20.36 -12.80 2.94
C LEU B 134 21.64 -12.57 3.76
N GLN B 135 22.54 -13.54 3.71
CA GLN B 135 23.89 -13.35 4.21
C GLN B 135 24.89 -13.75 3.13
N ASP B 136 25.92 -12.93 2.93
CA ASP B 136 27.10 -13.35 2.15
C ASP B 136 28.14 -14.08 3.00
N THR B 137 29.25 -14.45 2.37
CA THR B 137 30.26 -15.31 2.98
C THR B 137 31.25 -14.53 3.85
N GLN B 138 31.08 -13.21 3.92
CA GLN B 138 31.75 -12.38 4.91
C GLN B 138 30.80 -11.88 6.02
N GLU B 139 29.75 -12.65 6.30
CA GLU B 139 28.83 -12.38 7.42
C GLU B 139 28.01 -11.10 7.29
N ILE B 140 27.93 -10.54 6.08
CA ILE B 140 27.18 -9.30 5.86
C ILE B 140 25.71 -9.65 5.59
N LYS B 141 24.82 -9.03 6.35
CA LYS B 141 23.41 -9.43 6.45
C LYS B 141 22.52 -8.34 5.84
N GLN B 142 21.42 -8.76 5.22
CA GLN B 142 20.25 -7.89 5.09
C GLN B 142 18.94 -8.64 5.28
N ARG B 143 18.05 -8.08 6.09
CA ARG B 143 16.68 -8.53 6.19
C ARG B 143 15.75 -7.67 5.31
N VAL B 144 14.68 -8.27 4.81
CA VAL B 144 13.43 -7.55 4.54
C VAL B 144 12.23 -8.22 5.25
N VAL B 145 11.30 -7.39 5.72
CA VAL B 145 10.32 -7.80 6.71
C VAL B 145 8.93 -7.29 6.32
N PHE B 146 7.95 -8.20 6.30
CA PHE B 146 6.53 -7.84 6.29
C PHE B 146 5.97 -7.95 7.68
N LYS B 147 5.48 -6.83 8.20
CA LYS B 147 4.98 -6.72 9.56
C LYS B 147 3.46 -6.54 9.55
N TYR B 148 2.75 -7.37 10.31
CA TYR B 148 1.29 -7.32 10.39
C TYR B 148 0.77 -7.41 11.82
N SER B 149 -0.16 -6.50 12.16
CA SER B 149 -0.68 -6.40 13.53
C SER B 149 -1.68 -7.53 13.80
N GLN B 150 -1.69 -8.02 15.04
CA GLN B 150 -2.82 -8.79 15.58
C GLN B 150 -3.76 -7.95 16.44
N MET B 151 -3.59 -6.64 16.41
CA MET B 151 -4.42 -5.70 17.15
C MET B 151 -5.34 -4.94 16.19
N ILE B 152 -6.36 -5.63 15.69
CA ILE B 152 -7.06 -5.18 14.50
C ILE B 152 -8.39 -5.92 14.39
N ASN B 153 -9.42 -5.21 13.93
CA ASN B 153 -10.77 -5.75 13.87
C ASN B 153 -10.85 -6.96 12.94
N ILE B 154 -10.57 -6.74 11.66
CA ILE B 154 -10.50 -7.82 10.67
C ILE B 154 -9.14 -7.76 9.96
N SER B 155 -8.40 -8.86 9.99
CA SER B 155 -7.08 -8.90 9.35
C SER B 155 -7.13 -9.63 8.03
N ASP B 156 -6.57 -9.02 7.00
CA ASP B 156 -6.33 -9.70 5.73
C ASP B 156 -5.36 -10.87 5.83
N TYR B 157 -4.63 -10.97 6.93
CA TYR B 157 -3.39 -11.72 6.97
C TYR B 157 -3.39 -12.87 7.96
N ILE B 158 -3.96 -12.64 9.15
CA ILE B 158 -3.90 -13.61 10.24
C ILE B 158 -4.65 -14.88 9.84
N ASN B 159 -3.92 -15.98 9.74
CA ASN B 159 -4.50 -17.30 9.52
C ASN B 159 -5.28 -17.47 8.22
N ARG B 160 -5.05 -16.57 7.26
N ARG B 160 -5.08 -16.57 7.26
CA ARG B 160 -5.63 -16.67 5.92
CA ARG B 160 -5.64 -16.73 5.93
C ARG B 160 -4.49 -16.90 4.94
C ARG B 160 -4.50 -16.91 4.95
N TRP B 161 -4.80 -17.54 3.82
CA TRP B 161 -3.80 -17.78 2.78
C TRP B 161 -3.29 -16.48 2.18
N ILE B 162 -1.98 -16.25 2.26
CA ILE B 162 -1.38 -15.09 1.60
C ILE B 162 -0.26 -15.47 0.62
N PHE B 163 -0.13 -14.65 -0.42
CA PHE B 163 0.86 -14.87 -1.46
C PHE B 163 2.12 -14.11 -1.10
N VAL B 164 3.18 -14.84 -0.78
CA VAL B 164 4.50 -14.25 -0.58
C VAL B 164 5.31 -14.30 -1.88
N THR B 165 5.97 -13.20 -2.20
CA THR B 165 6.92 -13.16 -3.30
C THR B 165 8.15 -12.33 -2.92
N ILE B 166 9.33 -12.91 -3.06
CA ILE B 166 10.56 -12.22 -2.71
C ILE B 166 11.54 -12.18 -3.88
N THR B 167 11.94 -10.97 -4.27
CA THR B 167 12.81 -10.77 -5.40
C THR B 167 14.13 -10.17 -4.92
N ASN B 168 15.22 -10.51 -5.59
CA ASN B 168 16.55 -10.02 -5.22
C ASN B 168 17.30 -9.51 -6.44
N ASN B 169 17.56 -8.21 -6.47
CA ASN B 169 18.42 -7.59 -7.49
C ASN B 169 19.76 -7.15 -6.88
N ARG B 170 20.84 -7.75 -7.35
CA ARG B 170 22.14 -7.61 -6.75
C ARG B 170 22.79 -6.27 -6.95
N LEU B 171 22.21 -5.45 -7.80
CA LEU B 171 22.66 -4.09 -8.01
C LEU B 171 21.98 -3.13 -7.10
N ASN B 172 20.89 -3.52 -6.48
CA ASN B 172 20.20 -2.64 -5.56
C ASN B 172 19.44 -3.33 -4.45
N ASN B 173 18.18 -3.61 -4.74
CA ASN B 173 17.20 -4.00 -3.78
C ASN B 173 16.83 -5.46 -3.64
N SER B 174 16.51 -5.83 -2.42
CA SER B 174 15.74 -6.99 -2.11
C SER B 174 14.32 -6.52 -1.86
N LYS B 175 13.33 -7.15 -2.46
CA LYS B 175 11.94 -6.68 -2.31
C LYS B 175 11.01 -7.81 -1.90
N ILE B 176 10.12 -7.52 -0.93
CA ILE B 176 9.08 -8.47 -0.52
C ILE B 176 7.67 -7.95 -0.84
N TYR B 177 6.87 -8.81 -1.47
CA TYR B 177 5.48 -8.50 -1.78
C TYR B 177 4.56 -9.39 -0.95
N ILE B 178 3.38 -8.89 -0.63
CA ILE B 178 2.28 -9.74 -0.22
C ILE B 178 1.08 -9.52 -1.13
N ASN B 179 0.45 -10.61 -1.54
CA ASN B 179 -0.73 -10.54 -2.39
C ASN B 179 -0.55 -9.53 -3.52
N GLY B 180 0.57 -9.63 -4.22
CA GLY B 180 0.87 -8.78 -5.37
C GLY B 180 1.48 -7.42 -5.08
N ARG B 181 1.32 -6.92 -3.85
CA ARG B 181 1.63 -5.52 -3.54
C ARG B 181 2.96 -5.41 -2.78
N LEU B 182 3.74 -4.41 -3.13
CA LEU B 182 5.10 -4.29 -2.64
C LEU B 182 5.06 -3.76 -1.21
N ILE B 183 5.62 -4.53 -0.29
CA ILE B 183 5.59 -4.17 1.13
C ILE B 183 6.85 -3.41 1.50
N ASP B 184 8.02 -3.98 1.24
CA ASP B 184 9.27 -3.44 1.76
C ASP B 184 10.49 -3.85 0.95
N GLN B 185 11.37 -2.89 0.68
CA GLN B 185 12.60 -3.10 -0.10
C GLN B 185 13.81 -2.55 0.64
N LYS B 186 14.90 -3.32 0.65
CA LYS B 186 16.13 -2.90 1.33
C LYS B 186 17.33 -3.07 0.40
N PRO B 187 18.36 -2.22 0.55
CA PRO B 187 19.58 -2.43 -0.23
C PRO B 187 20.24 -3.77 0.09
N ILE B 188 20.70 -4.45 -0.95
CA ILE B 188 21.58 -5.61 -0.81
C ILE B 188 22.86 -5.49 -1.64
N SER B 189 23.12 -4.32 -2.21
CA SER B 189 24.16 -4.17 -3.24
C SER B 189 25.56 -4.23 -2.64
N ASN B 190 25.68 -3.94 -1.35
CA ASN B 190 26.94 -4.05 -0.62
C ASN B 190 27.32 -5.48 -0.23
N LEU B 191 26.40 -6.43 -0.37
CA LEU B 191 26.70 -7.84 -0.15
C LEU B 191 27.51 -8.42 -1.31
N GLY B 192 28.55 -9.18 -0.99
CA GLY B 192 29.42 -9.78 -2.00
C GLY B 192 28.92 -11.14 -2.44
N ASN B 193 29.74 -12.17 -2.25
CA ASN B 193 29.42 -13.52 -2.71
C ASN B 193 28.49 -14.21 -1.72
N ILE B 194 27.28 -14.46 -2.15
CA ILE B 194 26.37 -15.23 -1.38
C ILE B 194 26.45 -16.64 -1.87
N HIS B 195 26.71 -17.58 -0.98
CA HIS B 195 26.72 -18.97 -1.33
C HIS B 195 25.75 -19.80 -0.55
N ALA B 196 24.57 -20.02 -1.13
CA ALA B 196 23.45 -20.74 -0.53
C ALA B 196 23.65 -22.25 -0.56
N SER B 197 22.82 -22.93 0.20
CA SER B 197 22.93 -24.35 0.42
C SER B 197 22.56 -25.14 -0.80
N ASN B 198 22.86 -26.42 -0.79
CA ASN B 198 22.50 -27.29 -1.89
C ASN B 198 21.12 -27.86 -1.69
N ASN B 199 20.66 -27.75 -0.44
CA ASN B 199 19.37 -28.17 -0.02
C ASN B 199 18.53 -27.00 0.33
N ILE B 200 17.24 -27.14 0.10
CA ILE B 200 16.24 -26.33 0.78
C ILE B 200 15.48 -27.16 1.80
N MET B 201 15.38 -26.65 3.02
CA MET B 201 14.77 -27.38 4.12
C MET B 201 13.52 -26.65 4.58
N PHE B 202 12.36 -27.25 4.31
CA PHE B 202 11.10 -26.76 4.85
C PHE B 202 10.84 -27.39 6.21
N LYS B 203 10.92 -26.59 7.27
CA LYS B 203 10.90 -27.10 8.65
C LYS B 203 10.86 -25.95 9.64
N LEU B 204 10.03 -26.08 10.67
CA LEU B 204 10.06 -25.15 11.79
C LEU B 204 11.31 -25.36 12.64
N ASP B 205 12.23 -24.40 12.55
CA ASP B 205 13.55 -24.54 13.14
C ASP B 205 13.66 -23.45 14.17
N GLY B 206 13.73 -23.84 15.45
CA GLY B 206 13.97 -22.90 16.55
C GLY B 206 12.72 -22.32 17.20
N CYS B 207 11.54 -22.81 16.81
CA CYS B 207 10.28 -22.26 17.34
C CYS B 207 10.08 -22.81 18.74
N ARG B 208 9.74 -21.92 19.68
CA ARG B 208 9.55 -22.29 21.09
C ARG B 208 8.10 -22.62 21.43
N ASP B 209 7.16 -22.08 20.65
CA ASP B 209 5.76 -22.49 20.74
C ASP B 209 5.61 -23.93 20.22
N THR B 210 5.34 -24.85 21.13
CA THR B 210 5.21 -26.28 20.78
C THR B 210 4.00 -26.56 19.86
N HIS B 211 3.05 -25.65 19.92
CA HIS B 211 1.78 -25.80 19.29
C HIS B 211 1.73 -25.18 17.92
N ARG B 212 2.88 -24.72 17.44
CA ARG B 212 3.04 -24.05 16.15
C ARG B 212 3.03 -24.98 15.00
N TYR B 213 2.55 -24.42 13.91
CA TYR B 213 2.59 -25.01 12.58
C TYR B 213 2.38 -23.94 11.54
N ILE B 214 2.60 -24.31 10.31
CA ILE B 214 2.21 -23.51 9.13
C ILE B 214 1.60 -24.39 8.06
N TRP B 215 0.68 -23.81 7.27
CA TRP B 215 0.34 -24.35 5.97
C TRP B 215 1.10 -23.59 4.88
N ILE B 216 1.52 -24.32 3.85
CA ILE B 216 2.27 -23.73 2.74
C ILE B 216 1.84 -24.39 1.44
N LYS B 217 1.99 -23.69 0.32
CA LYS B 217 1.81 -24.30 -1.00
C LYS B 217 2.46 -23.56 -2.15
N TYR B 218 2.65 -24.27 -3.26
CA TYR B 218 3.13 -23.71 -4.54
C TYR B 218 4.49 -23.01 -4.43
N PHE B 219 5.45 -23.67 -3.81
CA PHE B 219 6.79 -23.10 -3.77
C PHE B 219 7.42 -23.06 -5.17
N ASN B 220 7.89 -21.87 -5.55
CA ASN B 220 8.65 -21.70 -6.77
C ASN B 220 9.97 -21.01 -6.51
N LEU B 221 10.96 -21.31 -7.34
CA LEU B 221 12.25 -20.63 -7.34
C LEU B 221 12.57 -20.15 -8.75
N PHE B 222 12.94 -18.88 -8.88
CA PHE B 222 13.21 -18.26 -10.18
C PHE B 222 14.63 -17.71 -10.20
N ASP B 223 15.29 -17.79 -11.36
CA ASP B 223 16.63 -17.19 -11.53
C ASP B 223 16.61 -15.79 -12.15
N LYS B 224 15.68 -14.96 -11.69
CA LYS B 224 15.65 -13.54 -12.05
C LYS B 224 14.91 -12.76 -10.98
N GLU B 225 15.04 -11.43 -11.05
CA GLU B 225 14.12 -10.53 -10.35
C GLU B 225 12.76 -10.44 -11.05
N LEU B 226 11.74 -11.04 -10.46
CA LEU B 226 10.39 -10.91 -11.00
C LEU B 226 9.94 -9.45 -10.92
N ASN B 227 9.50 -8.90 -12.05
CA ASN B 227 8.90 -7.57 -12.05
C ASN B 227 7.46 -7.61 -11.54
N GLU B 228 6.84 -6.48 -11.33
CA GLU B 228 5.59 -6.45 -10.63
C GLU B 228 4.38 -6.87 -11.43
N LYS B 229 4.42 -6.75 -12.73
CA LYS B 229 3.42 -7.47 -13.52
C LYS B 229 3.55 -8.97 -13.37
N GLU B 230 4.77 -9.48 -13.49
CA GLU B 230 5.01 -10.92 -13.44
C GLU B 230 4.50 -11.49 -12.13
N ILE B 231 4.59 -10.70 -11.08
CA ILE B 231 4.15 -11.10 -9.76
C ILE B 231 2.63 -11.07 -9.64
N LYS B 232 2.00 -10.05 -10.21
CA LYS B 232 0.53 -9.96 -10.24
C LYS B 232 -0.10 -11.10 -11.01
N ASP B 233 0.50 -11.47 -12.14
CA ASP B 233 0.04 -12.61 -12.92
C ASP B 233 0.19 -13.93 -12.19
N LEU B 234 1.34 -14.09 -11.51
CA LEU B 234 1.57 -15.24 -10.66
C LEU B 234 0.54 -15.34 -9.55
N TYR B 235 0.23 -14.20 -8.93
CA TYR B 235 -0.82 -14.10 -7.91
C TYR B 235 -2.18 -14.45 -8.48
N ASP B 236 -2.51 -13.92 -9.66
CA ASP B 236 -3.80 -14.18 -10.30
C ASP B 236 -3.97 -15.65 -10.68
N ASN B 237 -2.97 -16.23 -11.34
CA ASN B 237 -3.05 -17.62 -11.83
C ASN B 237 -3.19 -18.62 -10.70
N GLN B 238 -2.41 -18.43 -9.67
CA GLN B 238 -2.41 -19.35 -8.58
C GLN B 238 -3.62 -19.20 -7.64
N SER B 239 -4.39 -18.15 -7.79
CA SER B 239 -5.50 -17.91 -6.90
C SER B 239 -6.81 -18.51 -7.41
N ASN B 240 -6.69 -19.51 -8.28
CA ASN B 240 -7.66 -20.56 -8.45
C ASN B 240 -9.10 -20.13 -8.70
N SER B 241 -9.31 -19.24 -9.64
CA SER B 241 -10.55 -18.48 -9.74
C SER B 241 -11.82 -19.34 -9.93
N GLY B 242 -11.65 -20.56 -10.39
CA GLY B 242 -12.74 -21.52 -10.49
C GLY B 242 -13.51 -22.02 -9.28
N ILE B 243 -12.84 -22.38 -8.19
CA ILE B 243 -13.50 -22.85 -6.97
C ILE B 243 -13.77 -21.67 -6.03
N LEU B 244 -14.89 -21.58 -5.36
CA LEU B 244 -15.04 -20.51 -4.39
C LEU B 244 -14.21 -20.78 -3.15
N LYS B 245 -13.90 -19.74 -2.41
CA LYS B 245 -13.11 -19.90 -1.17
C LYS B 245 -13.86 -19.45 0.07
N ASP B 246 -13.62 -20.14 1.18
CA ASP B 246 -14.02 -19.65 2.49
C ASP B 246 -13.11 -18.47 2.94
N PHE B 247 -13.36 -17.96 4.14
CA PHE B 247 -12.67 -16.77 4.65
C PHE B 247 -11.15 -17.00 4.75
N TRP B 248 -10.74 -18.21 5.10
CA TRP B 248 -9.33 -18.53 5.30
C TRP B 248 -8.63 -18.75 3.96
N GLY B 249 -9.39 -18.83 2.86
CA GLY B 249 -8.81 -19.03 1.53
C GLY B 249 -8.71 -20.49 1.12
N ASP B 250 -9.22 -21.41 1.95
CA ASP B 250 -9.45 -22.78 1.52
C ASP B 250 -10.65 -22.88 0.57
N TYR B 251 -10.80 -24.06 -0.04
CA TYR B 251 -11.92 -24.33 -0.92
C TYR B 251 -13.25 -24.32 -0.17
N LEU B 252 -14.23 -23.62 -0.74
CA LEU B 252 -15.58 -23.58 -0.18
C LEU B 252 -16.28 -24.91 -0.42
N GLN B 253 -16.99 -25.40 0.60
CA GLN B 253 -17.46 -26.79 0.62
C GLN B 253 -18.97 -26.87 0.82
N TYR B 254 -19.56 -27.97 0.37
CA TYR B 254 -20.92 -28.34 0.76
C TYR B 254 -20.93 -28.96 2.15
N ASP B 255 -22.11 -28.98 2.76
CA ASP B 255 -22.35 -29.73 4.00
C ASP B 255 -21.35 -29.35 5.10
N LYS B 256 -20.95 -28.08 5.13
CA LYS B 256 -19.99 -27.59 6.11
C LYS B 256 -20.52 -26.29 6.72
N PRO B 257 -20.67 -26.22 8.07
CA PRO B 257 -21.19 -25.00 8.67
C PRO B 257 -20.24 -23.82 8.54
N TYR B 258 -20.76 -22.68 8.13
CA TYR B 258 -19.99 -21.44 8.10
C TYR B 258 -20.70 -20.34 8.87
N TYR B 259 -19.92 -19.55 9.59
CA TYR B 259 -20.35 -18.24 10.07
C TYR B 259 -20.16 -17.20 8.98
N MET B 260 -20.97 -16.16 9.00
CA MET B 260 -21.14 -15.32 7.82
C MET B 260 -20.65 -13.91 8.12
N LEU B 261 -19.82 -13.38 7.23
CA LEU B 261 -19.35 -12.02 7.35
C LEU B 261 -19.93 -11.26 6.18
N ASN B 262 -20.62 -10.18 6.48
CA ASN B 262 -21.01 -9.23 5.45
C ASN B 262 -19.97 -8.13 5.35
N LEU B 263 -19.36 -8.01 4.18
CA LEU B 263 -18.18 -7.18 3.96
C LEU B 263 -18.45 -5.68 3.82
N TYR B 264 -19.69 -5.28 3.55
CA TYR B 264 -20.07 -3.87 3.60
C TYR B 264 -20.03 -3.35 5.03
N ASP B 265 -20.62 -4.12 5.95
CA ASP B 265 -20.66 -3.78 7.36
C ASP B 265 -20.14 -4.94 8.21
N PRO B 266 -18.81 -4.99 8.42
CA PRO B 266 -18.15 -6.14 9.04
C PRO B 266 -18.41 -6.31 10.55
N ASN B 267 -18.79 -5.24 11.24
CA ASN B 267 -19.10 -5.30 12.68
C ASN B 267 -20.58 -5.61 12.98
N LYS B 268 -21.24 -6.30 12.05
CA LYS B 268 -22.51 -6.96 12.32
C LYS B 268 -22.49 -8.45 11.96
N TYR B 269 -23.46 -9.18 12.50
CA TYR B 269 -23.65 -10.60 12.16
C TYR B 269 -25.11 -10.96 11.87
N VAL B 270 -25.29 -12.12 11.25
CA VAL B 270 -26.61 -12.59 10.85
C VAL B 270 -27.30 -13.18 12.06
N ASP B 271 -28.47 -12.63 12.37
CA ASP B 271 -29.36 -13.21 13.35
C ASP B 271 -30.72 -13.50 12.69
N VAL B 272 -31.48 -14.38 13.31
CA VAL B 272 -32.88 -14.60 12.95
C VAL B 272 -33.73 -14.28 14.16
N ASN B 273 -34.93 -13.77 13.90
CA ASN B 273 -35.83 -13.36 14.95
C ASN B 273 -36.80 -14.51 15.23
N ASN B 274 -37.50 -14.94 14.17
CA ASN B 274 -38.34 -16.16 14.22
C ASN B 274 -38.15 -16.96 12.93
N VAL B 275 -38.40 -18.27 12.99
CA VAL B 275 -38.46 -19.11 11.79
C VAL B 275 -39.85 -19.07 11.17
N GLY B 276 -39.98 -19.63 9.97
CA GLY B 276 -41.19 -19.49 9.19
C GLY B 276 -41.33 -18.13 8.52
N ILE B 277 -42.44 -17.94 7.82
CA ILE B 277 -42.54 -16.95 6.75
C ILE B 277 -42.75 -15.52 7.28
N ARG B 278 -43.30 -15.39 8.48
CA ARG B 278 -43.31 -14.08 9.17
C ARG B 278 -42.04 -13.86 10.01
N GLY B 279 -41.14 -14.83 10.03
CA GLY B 279 -39.77 -14.57 10.41
C GLY B 279 -38.97 -13.76 9.40
N TYR B 280 -37.75 -13.41 9.79
CA TYR B 280 -36.78 -12.80 8.87
C TYR B 280 -35.34 -12.93 9.39
N MET B 281 -34.40 -13.01 8.46
CA MET B 281 -32.99 -12.89 8.73
C MET B 281 -32.62 -11.41 8.78
N TYR B 282 -31.63 -11.04 9.61
CA TYR B 282 -31.11 -9.68 9.61
C TYR B 282 -29.67 -9.59 10.12
N LEU B 283 -29.09 -8.40 9.96
CA LEU B 283 -27.80 -8.07 10.54
C LEU B 283 -27.99 -7.28 11.82
N LYS B 284 -27.33 -7.72 12.88
CA LYS B 284 -27.16 -6.90 14.08
C LYS B 284 -25.72 -6.90 14.54
N GLY B 285 -25.42 -5.96 15.43
CA GLY B 285 -24.10 -5.84 16.04
C GLY B 285 -24.20 -5.21 17.41
N PRO B 286 -23.09 -5.21 18.18
CA PRO B 286 -21.76 -5.35 17.66
C PRO B 286 -21.32 -6.81 17.66
N ARG B 287 -20.33 -7.13 16.86
CA ARG B 287 -19.71 -8.41 16.91
C ARG B 287 -19.01 -8.64 18.21
N GLY B 288 -18.51 -7.57 18.80
CA GLY B 288 -17.63 -7.69 19.95
C GLY B 288 -16.31 -8.32 19.55
N SER B 289 -15.58 -8.81 20.54
CA SER B 289 -14.13 -8.91 20.45
C SER B 289 -13.61 -10.17 21.12
N VAL B 290 -12.57 -10.75 20.52
CA VAL B 290 -11.78 -11.80 21.14
C VAL B 290 -10.41 -11.24 21.49
N MET B 291 -9.83 -11.72 22.59
CA MET B 291 -8.70 -11.06 23.23
C MET B 291 -7.76 -12.11 23.79
N THR B 292 -6.46 -11.82 23.73
CA THR B 292 -5.55 -12.05 24.84
C THR B 292 -4.64 -10.84 25.01
N THR B 293 -4.43 -10.43 26.25
CA THR B 293 -3.83 -9.12 26.52
C THR B 293 -2.42 -9.09 25.96
N ASN B 294 -2.08 -7.98 25.30
CA ASN B 294 -0.78 -7.80 24.61
C ASN B 294 -0.51 -8.71 23.42
N ILE B 295 -1.40 -9.65 23.11
CA ILE B 295 -1.12 -10.66 22.10
C ILE B 295 -2.04 -10.51 20.88
N TYR B 296 -3.36 -10.47 21.11
CA TYR B 296 -4.27 -10.05 20.04
C TYR B 296 -5.54 -9.36 20.56
N LEU B 297 -6.13 -8.55 19.69
CA LEU B 297 -7.47 -8.01 19.88
C LEU B 297 -8.21 -7.87 18.56
N ASN B 298 -9.09 -8.83 18.27
CA ASN B 298 -9.80 -8.88 16.99
C ASN B 298 -11.30 -9.03 17.20
N SER B 299 -12.07 -8.72 16.16
CA SER B 299 -13.51 -8.99 16.17
C SER B 299 -13.77 -10.49 16.31
N SER B 300 -14.75 -10.84 17.12
CA SER B 300 -15.31 -12.19 17.08
C SER B 300 -15.76 -12.58 15.67
N LEU B 301 -15.39 -13.79 15.24
CA LEU B 301 -15.77 -14.33 13.92
C LEU B 301 -16.87 -15.39 13.96
N TYR B 302 -17.06 -16.06 15.10
CA TYR B 302 -18.08 -17.11 15.21
C TYR B 302 -19.34 -16.54 15.85
N ARG B 303 -19.92 -15.55 15.18
CA ARG B 303 -21.18 -14.97 15.60
C ARG B 303 -22.29 -15.37 14.63
N GLY B 304 -23.48 -15.52 15.14
CA GLY B 304 -24.66 -15.46 14.30
C GLY B 304 -25.06 -16.87 13.92
N THR B 305 -26.08 -16.98 13.07
CA THR B 305 -26.56 -18.27 12.63
C THR B 305 -25.64 -18.81 11.56
N LYS B 306 -25.35 -20.10 11.64
CA LYS B 306 -24.51 -20.74 10.65
C LYS B 306 -25.31 -21.04 9.40
N PHE B 307 -24.66 -20.91 8.24
CA PHE B 307 -25.16 -21.42 6.97
C PHE B 307 -24.48 -22.74 6.65
N ILE B 308 -25.23 -23.64 6.03
CA ILE B 308 -24.67 -24.78 5.33
C ILE B 308 -25.11 -24.68 3.87
N ILE B 309 -24.19 -24.94 2.96
CA ILE B 309 -24.49 -24.95 1.53
C ILE B 309 -24.83 -26.38 1.10
N LYS B 310 -25.96 -26.53 0.41
CA LYS B 310 -26.46 -27.84 0.03
C LYS B 310 -26.46 -27.99 -1.50
N LYS B 311 -26.12 -29.18 -1.98
CA LYS B 311 -26.19 -29.47 -3.42
C LYS B 311 -27.63 -29.46 -3.90
N TYR B 312 -27.83 -28.76 -4.99
CA TYR B 312 -29.07 -28.82 -5.71
C TYR B 312 -28.72 -29.24 -7.12
N ALA B 313 -28.26 -28.30 -7.92
CA ALA B 313 -27.86 -28.57 -9.29
C ALA B 313 -26.64 -29.48 -9.62
N SER B 314 -25.52 -29.36 -8.91
CA SER B 314 -24.28 -29.91 -9.45
C SER B 314 -24.14 -31.43 -9.64
N GLY B 315 -24.36 -32.15 -8.56
CA GLY B 315 -24.15 -33.58 -8.60
C GLY B 315 -22.69 -33.91 -8.78
N ASN B 316 -21.80 -32.92 -8.75
CA ASN B 316 -20.38 -33.22 -8.90
C ASN B 316 -20.05 -34.09 -7.74
N LYS B 317 -19.22 -35.11 -7.93
CA LYS B 317 -18.82 -35.93 -6.81
C LYS B 317 -17.55 -35.46 -6.10
N ASP B 318 -17.59 -34.24 -5.61
CA ASP B 318 -16.80 -33.84 -4.50
C ASP B 318 -17.77 -33.03 -3.72
N ASN B 319 -17.30 -32.46 -2.64
CA ASN B 319 -18.04 -31.45 -1.89
C ASN B 319 -17.57 -30.02 -2.16
N ILE B 320 -16.96 -29.77 -3.31
CA ILE B 320 -16.35 -28.48 -3.59
C ILE B 320 -17.29 -27.55 -4.34
N VAL B 321 -17.46 -26.35 -3.81
CA VAL B 321 -18.39 -25.39 -4.35
C VAL B 321 -17.68 -24.58 -5.43
N ARG B 322 -18.11 -24.75 -6.67
CA ARG B 322 -17.48 -24.07 -7.80
C ARG B 322 -18.26 -22.83 -8.22
N ASN B 323 -17.57 -21.93 -8.90
CA ASN B 323 -18.20 -20.76 -9.49
C ASN B 323 -19.41 -21.15 -10.34
N ASN B 324 -20.49 -20.38 -10.18
CA ASN B 324 -21.78 -20.65 -10.83
C ASN B 324 -22.52 -21.93 -10.43
N ASP B 325 -22.07 -22.61 -9.38
CA ASP B 325 -22.85 -23.72 -8.82
C ASP B 325 -24.20 -23.20 -8.33
N ARG B 326 -25.25 -23.99 -8.51
CA ARG B 326 -26.55 -23.64 -8.00
C ARG B 326 -26.84 -24.50 -6.83
N VAL B 327 -27.33 -23.90 -5.80
CA VAL B 327 -27.31 -24.51 -4.47
C VAL B 327 -28.56 -24.11 -3.70
N TYR B 328 -28.88 -24.90 -2.68
CA TYR B 328 -29.69 -24.44 -1.57
C TYR B 328 -28.80 -23.94 -0.45
N ILE B 329 -29.26 -22.92 0.25
CA ILE B 329 -28.68 -22.46 1.50
C ILE B 329 -29.55 -22.88 2.70
N ASN B 330 -29.00 -23.74 3.55
CA ASN B 330 -29.61 -24.01 4.84
C ASN B 330 -29.06 -23.10 5.92
N VAL B 331 -29.85 -22.96 6.99
CA VAL B 331 -29.54 -22.05 8.09
C VAL B 331 -29.77 -22.83 9.38
N VAL B 332 -28.75 -22.86 10.25
CA VAL B 332 -28.81 -23.63 11.47
C VAL B 332 -29.37 -22.73 12.58
N VAL B 333 -30.42 -23.21 13.24
CA VAL B 333 -30.98 -22.53 14.40
C VAL B 333 -31.33 -23.56 15.47
N LYS B 334 -30.62 -23.49 16.58
CA LYS B 334 -30.74 -24.46 17.68
C LYS B 334 -30.37 -25.88 17.24
N ASN B 335 -29.35 -25.98 16.38
CA ASN B 335 -28.93 -27.27 15.82
C ASN B 335 -30.09 -28.02 15.12
N LYS B 336 -31.02 -27.25 14.53
CA LYS B 336 -31.88 -27.72 13.44
C LYS B 336 -31.65 -26.85 12.20
N GLU B 337 -31.72 -27.46 11.02
CA GLU B 337 -31.56 -26.74 9.76
C GLU B 337 -32.89 -26.26 9.16
N TYR B 338 -32.89 -25.03 8.65
CA TYR B 338 -34.03 -24.43 7.98
C TYR B 338 -33.58 -23.90 6.62
N ARG B 339 -34.52 -23.76 5.70
CA ARG B 339 -34.21 -23.32 4.35
C ARG B 339 -34.31 -21.81 4.26
N LEU B 340 -33.23 -21.16 3.82
CA LEU B 340 -33.30 -19.76 3.41
C LEU B 340 -34.19 -19.63 2.19
N ALA B 341 -35.12 -18.68 2.23
CA ALA B 341 -36.12 -18.53 1.16
C ALA B 341 -36.89 -17.23 1.30
N THR B 342 -37.59 -16.85 0.24
CA THR B 342 -38.52 -15.72 0.26
C THR B 342 -39.73 -16.03 -0.60
N ASN B 343 -40.85 -15.35 -0.34
CA ASN B 343 -41.84 -15.12 -1.40
C ASN B 343 -41.47 -13.89 -2.23
N ALA B 344 -41.20 -14.13 -3.51
CA ALA B 344 -40.79 -13.07 -4.42
C ALA B 344 -41.92 -12.07 -4.76
N SER B 345 -43.17 -12.50 -4.60
CA SER B 345 -44.31 -11.66 -4.98
C SER B 345 -44.62 -10.52 -4.00
N GLN B 346 -43.98 -10.50 -2.83
CA GLN B 346 -44.10 -9.37 -1.91
C GLN B 346 -43.66 -8.04 -2.53
N ALA B 347 -44.28 -6.95 -2.09
CA ALA B 347 -44.22 -5.67 -2.81
C ALA B 347 -42.88 -4.98 -2.59
N GLY B 348 -42.41 -4.27 -3.60
CA GLY B 348 -41.04 -3.72 -3.61
C GLY B 348 -40.01 -4.72 -4.11
N VAL B 349 -38.98 -4.21 -4.77
CA VAL B 349 -37.88 -5.03 -5.27
C VAL B 349 -37.10 -5.79 -4.19
N GLU B 350 -37.10 -5.30 -2.97
CA GLU B 350 -36.43 -5.95 -1.85
C GLU B 350 -37.22 -7.07 -1.26
N LYS B 351 -36.71 -8.28 -1.33
CA LYS B 351 -37.41 -9.42 -0.82
C LYS B 351 -36.79 -9.97 0.43
N ILE B 352 -37.50 -9.83 1.54
CA ILE B 352 -37.03 -10.25 2.83
C ILE B 352 -36.86 -11.75 2.92
N LEU B 353 -35.75 -12.16 3.51
CA LEU B 353 -35.44 -13.56 3.67
C LEU B 353 -35.88 -14.09 5.00
N SER B 354 -36.16 -15.38 5.05
CA SER B 354 -36.70 -16.01 6.22
C SER B 354 -36.14 -17.38 6.23
N ALA B 355 -36.23 -18.03 7.36
CA ALA B 355 -35.77 -19.38 7.48
C ALA B 355 -36.95 -20.28 7.65
N LEU B 356 -37.11 -21.22 6.74
CA LEU B 356 -38.32 -22.01 6.64
C LEU B 356 -38.04 -23.46 7.02
N GLU B 357 -39.06 -24.11 7.56
CA GLU B 357 -39.07 -25.56 7.69
C GLU B 357 -38.86 -26.14 6.30
N ILE B 358 -37.97 -27.11 6.18
CA ILE B 358 -37.55 -27.62 4.87
C ILE B 358 -38.70 -28.32 4.12
N PRO B 359 -39.50 -29.15 4.83
CA PRO B 359 -40.75 -29.67 4.23
C PRO B 359 -41.70 -28.61 3.67
N ASP B 360 -41.81 -27.46 4.33
CA ASP B 360 -42.87 -26.49 4.03
C ASP B 360 -42.35 -25.31 3.20
N VAL B 361 -41.35 -25.57 2.36
CA VAL B 361 -40.76 -24.53 1.52
C VAL B 361 -41.56 -24.35 0.24
N GLY B 362 -42.11 -25.46 -0.27
CA GLY B 362 -43.09 -25.42 -1.34
C GLY B 362 -42.43 -25.00 -2.64
N ASN B 363 -42.93 -23.91 -3.23
CA ASN B 363 -42.32 -23.31 -4.41
C ASN B 363 -41.97 -21.86 -4.18
N LEU B 364 -41.69 -21.53 -2.92
CA LEU B 364 -40.98 -20.30 -2.61
C LEU B 364 -39.58 -20.30 -3.23
N SER B 365 -39.09 -19.13 -3.56
CA SER B 365 -37.80 -18.99 -4.22
C SER B 365 -36.66 -19.29 -3.24
N GLN B 366 -35.87 -20.30 -3.57
CA GLN B 366 -34.85 -20.84 -2.65
C GLN B 366 -33.53 -21.23 -3.32
N VAL B 367 -33.46 -21.22 -4.65
CA VAL B 367 -32.26 -21.64 -5.38
C VAL B 367 -31.32 -20.46 -5.53
N VAL B 368 -30.05 -20.69 -5.21
CA VAL B 368 -29.01 -19.66 -5.20
C VAL B 368 -27.89 -20.04 -6.16
N VAL B 369 -27.49 -19.11 -7.02
CA VAL B 369 -26.27 -19.25 -7.82
C VAL B 369 -25.12 -18.67 -7.02
N MET B 370 -24.05 -19.45 -6.86
CA MET B 370 -22.84 -19.03 -6.13
C MET B 370 -21.81 -18.45 -7.10
N LYS B 371 -21.37 -17.26 -6.80
CA LYS B 371 -20.62 -16.50 -7.73
C LYS B 371 -19.38 -15.92 -7.10
N SER B 372 -18.24 -16.02 -7.76
CA SER B 372 -17.05 -15.32 -7.28
C SER B 372 -16.75 -14.04 -8.01
N CYS B 382 -17.61 -13.98 -2.11
CA CYS B 382 -18.70 -14.68 -2.79
C CYS B 382 -19.94 -13.80 -2.80
N LYS B 383 -20.71 -13.89 -3.88
CA LYS B 383 -22.07 -13.40 -3.95
C LYS B 383 -23.08 -14.53 -4.16
N MET B 384 -24.35 -14.25 -3.88
CA MET B 384 -25.37 -15.28 -3.83
C MET B 384 -26.61 -14.77 -4.57
N ASN B 385 -26.80 -15.23 -5.80
CA ASN B 385 -27.91 -14.75 -6.62
C ASN B 385 -29.13 -15.64 -6.44
N LEU B 386 -30.13 -15.12 -5.74
CA LEU B 386 -31.38 -15.87 -5.51
C LEU B 386 -32.16 -15.98 -6.82
N GLN B 387 -32.71 -17.18 -7.06
CA GLN B 387 -33.55 -17.41 -8.22
C GLN B 387 -34.84 -18.11 -7.82
N ASP B 388 -35.94 -17.76 -8.49
CA ASP B 388 -37.18 -18.52 -8.39
C ASP B 388 -37.03 -19.88 -9.07
N ASN B 389 -38.10 -20.67 -9.09
CA ASN B 389 -38.07 -22.02 -9.68
C ASN B 389 -38.35 -22.06 -11.17
N ASN B 390 -38.57 -20.88 -11.77
CA ASN B 390 -38.27 -20.70 -13.19
C ASN B 390 -36.79 -20.43 -13.52
N GLY B 391 -35.94 -20.34 -12.49
CA GLY B 391 -34.57 -19.92 -12.66
C GLY B 391 -34.37 -18.45 -12.94
N ASN B 392 -35.42 -17.65 -12.84
CA ASN B 392 -35.30 -16.22 -13.09
C ASN B 392 -34.73 -15.53 -11.87
N ASP B 393 -33.92 -14.49 -12.12
CA ASP B 393 -33.22 -13.77 -11.07
C ASP B 393 -34.22 -13.03 -10.21
N ILE B 394 -34.20 -13.28 -8.91
CA ILE B 394 -34.71 -12.36 -7.91
C ILE B 394 -33.67 -11.31 -7.49
N GLY B 395 -32.44 -11.74 -7.27
CA GLY B 395 -31.29 -10.85 -7.13
C GLY B 395 -30.30 -11.30 -6.08
N PHE B 396 -29.20 -10.56 -5.94
CA PHE B 396 -28.12 -10.91 -5.02
C PHE B 396 -28.58 -10.73 -3.57
N ILE B 397 -28.20 -11.67 -2.72
CA ILE B 397 -28.53 -11.58 -1.32
C ILE B 397 -27.65 -10.53 -0.65
N GLY B 398 -28.28 -9.46 -0.15
CA GLY B 398 -27.63 -8.47 0.71
C GLY B 398 -28.50 -8.11 1.88
N PHE B 399 -28.62 -6.81 2.15
CA PHE B 399 -29.50 -6.34 3.23
C PHE B 399 -30.11 -4.97 2.90
N HIS B 400 -31.10 -4.59 3.69
CA HIS B 400 -31.79 -3.32 3.51
C HIS B 400 -32.44 -2.90 4.82
N GLN B 401 -32.44 -1.61 5.11
CA GLN B 401 -33.02 -1.09 6.34
C GLN B 401 -34.55 -1.02 6.23
N PHE B 402 -35.23 -1.67 7.16
CA PHE B 402 -36.67 -1.53 7.31
C PHE B 402 -37.01 -1.05 8.72
N ASN B 403 -37.16 0.27 8.88
CA ASN B 403 -37.32 0.89 10.19
C ASN B 403 -36.12 0.59 11.08
N ASN B 404 -34.92 0.88 10.58
CA ASN B 404 -33.69 0.46 11.21
C ASN B 404 -33.71 -0.97 11.78
N ILE B 405 -34.23 -1.91 10.99
CA ILE B 405 -33.75 -3.28 11.04
C ILE B 405 -33.13 -3.64 9.69
N ALA B 406 -31.88 -4.08 9.71
CA ALA B 406 -31.15 -4.42 8.49
C ALA B 406 -31.45 -5.84 8.03
N LYS B 407 -32.67 -6.02 7.51
CA LYS B 407 -33.14 -7.36 7.13
C LYS B 407 -32.42 -7.83 5.87
N LEU B 408 -32.10 -9.13 5.81
CA LEU B 408 -31.52 -9.73 4.62
C LEU B 408 -32.57 -9.76 3.51
N VAL B 409 -32.12 -9.46 2.29
CA VAL B 409 -32.99 -9.37 1.13
C VAL B 409 -32.25 -9.94 -0.07
N ALA B 410 -33.00 -10.55 -0.99
CA ALA B 410 -32.59 -10.60 -2.38
C ALA B 410 -33.10 -9.36 -3.09
N SER B 411 -32.25 -8.78 -3.94
CA SER B 411 -32.60 -7.55 -4.65
C SER B 411 -31.84 -7.39 -5.97
N ASN B 412 -32.60 -7.32 -7.06
CA ASN B 412 -32.07 -7.02 -8.40
C ASN B 412 -31.56 -5.59 -8.56
N TRP B 413 -31.79 -4.76 -7.54
CA TRP B 413 -31.05 -3.52 -7.38
C TRP B 413 -29.53 -3.73 -7.33
N TYR B 414 -29.09 -4.76 -6.61
CA TYR B 414 -27.68 -5.16 -6.62
C TYR B 414 -27.19 -5.55 -8.01
N ASN B 415 -28.06 -6.16 -8.79
CA ASN B 415 -27.70 -6.65 -10.12
C ASN B 415 -27.63 -5.50 -11.13
N ARG B 416 -28.40 -4.48 -10.87
CA ARG B 416 -28.30 -3.26 -11.61
C ARG B 416 -26.98 -2.52 -11.42
N GLN B 417 -26.35 -2.60 -10.25
CA GLN B 417 -25.15 -1.79 -9.95
C GLN B 417 -23.89 -2.35 -10.62
N ARG B 423 -19.75 2.35 -3.70
CA ARG B 423 -19.54 1.37 -4.75
C ARG B 423 -19.53 -0.04 -4.18
N THR B 424 -19.16 -0.16 -2.91
CA THR B 424 -19.11 -1.42 -2.26
C THR B 424 -20.55 -1.66 -2.00
N LEU B 425 -20.96 -2.89 -2.12
CA LEU B 425 -22.35 -3.21 -1.99
C LEU B 425 -22.62 -4.11 -0.82
N GLY B 426 -23.88 -4.13 -0.46
CA GLY B 426 -24.38 -5.02 0.58
C GLY B 426 -24.28 -6.50 0.32
N CYS B 427 -23.93 -6.92 -0.90
CA CYS B 427 -24.09 -8.32 -1.30
C CYS B 427 -22.80 -9.12 -1.43
N SER B 428 -21.71 -8.61 -0.87
CA SER B 428 -20.47 -9.38 -0.81
C SER B 428 -20.44 -10.06 0.55
N TRP B 429 -20.12 -11.35 0.54
CA TRP B 429 -20.11 -12.17 1.75
C TRP B 429 -18.84 -12.96 1.85
N GLU B 430 -18.48 -13.37 3.07
CA GLU B 430 -17.55 -14.46 3.26
C GLU B 430 -18.05 -15.48 4.29
N PHE B 431 -17.59 -16.72 4.10
CA PHE B 431 -18.01 -17.88 4.87
C PHE B 431 -16.84 -18.33 5.76
N ILE B 432 -17.04 -18.34 7.08
CA ILE B 432 -15.98 -18.60 8.06
C ILE B 432 -16.25 -19.89 8.83
N PRO B 433 -15.51 -20.96 8.52
CA PRO B 433 -15.60 -22.16 9.32
C PRO B 433 -14.70 -22.09 10.54
N VAL B 434 -14.97 -22.94 11.52
CA VAL B 434 -14.11 -23.02 12.69
C VAL B 434 -12.75 -23.56 12.25
N ASP B 435 -11.69 -22.94 12.78
CA ASP B 435 -10.32 -23.27 12.36
C ASP B 435 -9.37 -23.15 13.55
N ASP B 436 -8.57 -24.19 13.75
CA ASP B 436 -7.60 -24.21 14.83
C ASP B 436 -6.70 -22.97 14.86
N GLY B 437 -6.36 -22.45 13.69
CA GLY B 437 -5.49 -21.30 13.60
C GLY B 437 -6.08 -19.96 14.03
N TRP B 438 -7.37 -19.93 14.36
CA TRP B 438 -8.00 -18.73 14.89
C TRP B 438 -8.18 -18.78 16.41
N GLY B 439 -8.52 -19.95 16.94
CA GLY B 439 -8.43 -20.20 18.38
C GLY B 439 -9.55 -19.61 19.22
N GLU B 440 -10.51 -18.98 18.55
CA GLU B 440 -11.64 -18.36 19.23
C GLU B 440 -12.56 -19.42 19.81
N ARG B 441 -13.20 -19.09 20.92
CA ARG B 441 -14.13 -20.02 21.54
C ARG B 441 -15.55 -19.66 21.12
N PRO B 442 -16.26 -20.67 20.45
CA PRO B 442 -17.61 -20.25 20.04
C PRO B 442 -18.53 -20.03 21.23
N LEU B 443 -19.44 -19.07 21.11
CA LEU B 443 -20.44 -18.87 22.15
C LEU B 443 -21.25 -20.15 22.22
N GLN B 444 -21.52 -20.71 21.05
CA GLN B 444 -22.18 -22.00 20.96
C GLN B 444 -21.81 -22.59 19.61
#